data_8PIF
#
_entry.id   8PIF
#
_cell.length_a   44.261
_cell.length_b   88.308
_cell.length_c   88.922
_cell.angle_alpha   90
_cell.angle_beta   104.51
_cell.angle_gamma   90
#
_symmetry.space_group_name_H-M   'P 1 21 1'
#
loop_
_entity.id
_entity.type
_entity.pdbx_description
1 polymer 'Kelch domain-containing protein 2'
2 non-polymer 1,2-ETHANEDIOL
3 non-polymer '2-(furan-3-yl)ethanoic acid'
4 water water
#
_entity_poly.entity_id   1
_entity_poly.type   'polypeptide(L)'
_entity_poly.pdbx_seq_one_letter_code
;SMADGNEDLRADDLPGPAFESYESMELACPAERSGHVAVSDGRHMFVWGGYKSNQVRGLYDFYLPREELWIYNMETGRWK
KINTEGDVPPSMSGSCAVCVDRVLYLFGGHHSRGNTNKFYMLDSRSTDRVLQWERIDCQGIPPSSKDKLGVWVYKNKLIF
FGGYGYLPEDKVLGTFEFDETSFWNSSHPRGWNDHVHILDTETFTWSQPITTGKAPSPRAAHACATVGNRGFVFGGRYRD
ARMNDLHYLNLDTWEWNELIPQGICPVGRSWHSLTPVSSDHLFLFGGFTTDKQPLSDAWTYCISKNEWIQFNHPYTEKPR
LWHTACASDEGEVIVFGGCANNLLVHHRAAHSNEILIFSVQPK
;
_entity_poly.pdbx_strand_id   A,B
#
loop_
_chem_comp.id
_chem_comp.type
_chem_comp.name
_chem_comp.formula
EDO non-polymer 1,2-ETHANEDIOL 'C2 H6 O2'
YW6 non-polymer '2-(furan-3-yl)ethanoic acid' 'C6 H6 O3'
#
# COMPACT_ATOMS: atom_id res chain seq x y z
N CYS A 29 0.82 -10.30 -2.38
CA CYS A 29 0.52 -9.21 -3.31
C CYS A 29 1.12 -9.50 -4.72
N PRO A 30 0.53 -8.97 -5.82
CA PRO A 30 1.09 -9.27 -7.14
C PRO A 30 2.38 -8.52 -7.42
N ALA A 31 3.21 -9.09 -8.30
CA ALA A 31 4.45 -8.42 -8.69
C ALA A 31 4.14 -7.14 -9.50
N GLU A 32 5.05 -6.20 -9.46
CA GLU A 32 4.96 -4.95 -10.21
C GLU A 32 4.87 -5.22 -11.70
N ARG A 33 4.22 -4.31 -12.43
CA ARG A 33 4.02 -4.47 -13.85
C ARG A 33 3.42 -3.23 -14.51
N SER A 34 3.61 -3.12 -15.83
CA SER A 34 2.99 -2.13 -16.70
C SER A 34 2.39 -2.88 -17.89
N GLY A 35 1.44 -2.25 -18.58
CA GLY A 35 0.83 -2.87 -19.75
C GLY A 35 -0.03 -4.07 -19.50
N HIS A 36 -0.40 -4.29 -18.24
CA HIS A 36 -1.30 -5.36 -17.83
C HIS A 36 -2.77 -4.94 -18.14
N VAL A 37 -3.70 -5.86 -17.94
CA VAL A 37 -5.12 -5.55 -18.02
C VAL A 37 -5.70 -5.64 -16.60
N ALA A 38 -6.74 -4.85 -16.36
CA ALA A 38 -7.49 -4.90 -15.12
C ALA A 38 -8.91 -4.55 -15.44
N VAL A 39 -9.83 -5.42 -15.03
CA VAL A 39 -11.24 -5.23 -15.27
C VAL A 39 -11.97 -5.56 -13.98
N SER A 40 -13.20 -5.06 -13.82
CA SER A 40 -13.92 -5.27 -12.59
C SER A 40 -15.42 -5.33 -12.76
N ASP A 41 -16.08 -5.87 -11.75
CA ASP A 41 -17.54 -5.90 -11.66
C ASP A 41 -18.01 -4.87 -10.59
N GLY A 42 -17.19 -3.88 -10.24
CA GLY A 42 -17.50 -2.92 -9.20
C GLY A 42 -17.08 -3.38 -7.81
N ARG A 43 -16.74 -4.67 -7.64
CA ARG A 43 -16.35 -5.20 -6.32
C ARG A 43 -15.02 -5.95 -6.37
N HIS A 44 -14.85 -6.83 -7.35
CA HIS A 44 -13.64 -7.61 -7.55
C HIS A 44 -12.97 -7.09 -8.82
N MET A 45 -11.65 -6.87 -8.76
CA MET A 45 -10.84 -6.42 -9.89
C MET A 45 -9.93 -7.59 -10.32
N PHE A 46 -9.99 -7.96 -11.60
CA PHE A 46 -9.21 -9.06 -12.15
C PHE A 46 -8.06 -8.47 -12.95
N VAL A 47 -6.83 -8.80 -12.55
CA VAL A 47 -5.59 -8.32 -13.16
C VAL A 47 -4.88 -9.47 -13.88
N TRP A 48 -4.42 -9.25 -15.10
CA TRP A 48 -3.72 -10.25 -15.89
C TRP A 48 -2.61 -9.61 -16.73
N GLY A 49 -1.57 -10.38 -16.97
CA GLY A 49 -0.53 -10.02 -17.91
C GLY A 49 0.35 -8.85 -17.56
N GLY A 50 0.81 -8.17 -18.59
CA GLY A 50 1.76 -7.08 -18.45
C GLY A 50 3.19 -7.61 -18.42
N TYR A 51 4.13 -6.72 -18.14
CA TYR A 51 5.54 -7.07 -18.08
C TYR A 51 6.24 -6.22 -17.00
N LYS A 52 7.47 -6.63 -16.64
CA LYS A 52 8.30 -5.93 -15.67
C LYS A 52 9.80 -6.03 -16.09
N SER A 53 10.66 -5.25 -15.42
CA SER A 53 12.10 -5.22 -15.68
C SER A 53 12.82 -6.22 -14.79
N PHE A 62 10.62 -9.16 -19.36
CA PHE A 62 9.99 -10.37 -18.83
C PHE A 62 8.46 -10.18 -18.66
N TYR A 63 7.65 -11.02 -19.34
CA TYR A 63 6.22 -10.95 -19.19
C TYR A 63 5.80 -11.68 -17.92
N LEU A 64 4.74 -11.23 -17.26
CA LEU A 64 4.25 -11.88 -16.05
C LEU A 64 3.58 -13.23 -16.42
N PRO A 65 3.57 -14.26 -15.53
CA PRO A 65 3.02 -15.57 -15.96
C PRO A 65 1.61 -15.55 -16.58
N ARG A 66 1.49 -16.08 -17.80
CA ARG A 66 0.23 -16.13 -18.55
C ARG A 66 -0.95 -16.80 -17.81
N GLU A 67 -0.68 -17.87 -17.04
CA GLU A 67 -1.71 -18.63 -16.33
C GLU A 67 -2.16 -17.99 -15.01
N GLU A 68 -1.48 -16.94 -14.52
CA GLU A 68 -1.89 -16.29 -13.28
C GLU A 68 -2.99 -15.26 -13.52
N LEU A 69 -3.94 -15.18 -12.60
CA LEU A 69 -5.00 -14.18 -12.64
C LEU A 69 -5.12 -13.70 -11.19
N TRP A 70 -4.85 -12.40 -10.97
CA TRP A 70 -4.90 -11.82 -9.63
C TRP A 70 -6.24 -11.15 -9.41
N ILE A 71 -6.86 -11.40 -8.26
CA ILE A 71 -8.17 -10.84 -7.93
C ILE A 71 -7.96 -9.95 -6.71
N TYR A 72 -8.32 -8.65 -6.85
CA TYR A 72 -8.23 -7.71 -5.74
C TYR A 72 -9.66 -7.42 -5.26
N ASN A 73 -9.93 -7.63 -3.97
CA ASN A 73 -11.25 -7.32 -3.42
C ASN A 73 -11.22 -5.84 -3.07
N MET A 74 -12.01 -5.01 -3.76
CA MET A 74 -12.01 -3.57 -3.56
C MET A 74 -12.55 -3.14 -2.18
N GLU A 75 -13.33 -4.01 -1.51
CA GLU A 75 -13.89 -3.69 -0.20
C GLU A 75 -12.91 -4.01 0.95
N THR A 76 -12.20 -5.13 0.88
CA THR A 76 -11.27 -5.52 1.95
C THR A 76 -9.82 -5.09 1.68
N GLY A 77 -9.47 -4.85 0.42
CA GLY A 77 -8.11 -4.50 0.03
C GLY A 77 -7.18 -5.70 -0.01
N ARG A 78 -7.73 -6.91 -0.14
CA ARG A 78 -6.90 -8.13 -0.18
C ARG A 78 -6.82 -8.72 -1.56
N TRP A 79 -5.68 -9.37 -1.85
CA TRP A 79 -5.41 -9.99 -3.13
C TRP A 79 -5.46 -11.50 -3.02
N LYS A 80 -5.82 -12.16 -4.12
CA LYS A 80 -5.89 -13.60 -4.21
C LYS A 80 -5.40 -13.99 -5.61
N LYS A 81 -4.46 -14.94 -5.71
CA LYS A 81 -3.97 -15.39 -7.00
C LYS A 81 -4.59 -16.73 -7.32
N ILE A 82 -5.04 -16.93 -8.56
CA ILE A 82 -5.55 -18.21 -9.02
C ILE A 82 -4.88 -18.55 -10.35
N ASN A 83 -4.64 -19.85 -10.58
CA ASN A 83 -4.06 -20.31 -11.82
C ASN A 83 -5.19 -20.77 -12.72
N THR A 84 -5.20 -20.32 -13.96
CA THR A 84 -6.23 -20.65 -14.94
C THR A 84 -5.75 -21.78 -15.87
N GLU A 85 -6.68 -22.37 -16.63
CA GLU A 85 -6.39 -23.46 -17.57
C GLU A 85 -7.14 -23.13 -18.90
N GLY A 86 -7.25 -24.09 -19.82
CA GLY A 86 -7.95 -23.91 -21.07
C GLY A 86 -7.02 -23.28 -22.10
N ASP A 87 -7.58 -22.44 -22.98
CA ASP A 87 -6.83 -21.75 -24.04
C ASP A 87 -6.18 -20.52 -23.43
N VAL A 88 -5.16 -20.74 -22.57
CA VAL A 88 -4.55 -19.63 -21.85
C VAL A 88 -3.87 -18.71 -22.87
N PRO A 89 -4.22 -17.41 -22.95
CA PRO A 89 -3.55 -16.57 -23.94
C PRO A 89 -2.03 -16.48 -23.68
N PRO A 90 -1.20 -16.15 -24.68
CA PRO A 90 0.22 -15.92 -24.37
C PRO A 90 0.38 -14.71 -23.46
N SER A 91 1.49 -14.61 -22.70
CA SER A 91 1.72 -13.46 -21.82
C SER A 91 1.88 -12.21 -22.70
N MET A 92 1.13 -11.14 -22.41
CA MET A 92 1.15 -9.96 -23.25
C MET A 92 1.12 -8.66 -22.48
N SER A 93 1.63 -7.62 -23.13
CA SER A 93 1.46 -6.25 -22.70
C SER A 93 0.46 -5.65 -23.72
N GLY A 94 -0.25 -4.63 -23.30
CA GLY A 94 -1.10 -3.85 -24.20
C GLY A 94 -2.36 -4.52 -24.73
N SER A 95 -2.81 -5.60 -24.08
CA SER A 95 -4.07 -6.23 -24.45
C SER A 95 -5.23 -5.30 -24.02
N CYS A 96 -6.38 -5.51 -24.64
CA CYS A 96 -7.58 -4.74 -24.41
C CYS A 96 -8.65 -5.67 -23.83
N ALA A 97 -9.09 -5.40 -22.60
CA ALA A 97 -10.03 -6.27 -21.90
C ALA A 97 -11.24 -5.56 -21.34
N VAL A 98 -12.34 -6.31 -21.12
CA VAL A 98 -13.57 -5.79 -20.51
C VAL A 98 -14.18 -6.89 -19.64
N CYS A 99 -14.99 -6.49 -18.66
CA CYS A 99 -15.75 -7.40 -17.82
C CYS A 99 -17.22 -7.02 -17.98
N VAL A 100 -18.05 -7.94 -18.49
CA VAL A 100 -19.49 -7.73 -18.68
C VAL A 100 -20.15 -8.92 -18.01
N ASP A 101 -20.95 -8.68 -16.93
CA ASP A 101 -21.60 -9.73 -16.13
C ASP A 101 -20.61 -10.82 -15.68
N ARG A 102 -19.43 -10.39 -15.20
CA ARG A 102 -18.37 -11.28 -14.75
C ARG A 102 -17.83 -12.23 -15.83
N VAL A 103 -18.10 -11.93 -17.11
CA VAL A 103 -17.46 -12.63 -18.21
C VAL A 103 -16.38 -11.65 -18.69
N LEU A 104 -15.11 -12.09 -18.67
CA LEU A 104 -13.95 -11.31 -19.08
C LEU A 104 -13.68 -11.57 -20.55
N TYR A 105 -13.46 -10.51 -21.34
CA TYR A 105 -13.20 -10.62 -22.76
C TYR A 105 -11.88 -9.92 -23.01
N LEU A 106 -11.00 -10.55 -23.78
CA LEU A 106 -9.69 -10.00 -24.07
C LEU A 106 -9.36 -10.06 -25.56
N PHE A 107 -8.90 -8.92 -26.10
CA PHE A 107 -8.54 -8.78 -27.50
C PHE A 107 -7.15 -8.17 -27.61
N GLY A 108 -6.38 -8.64 -28.58
CA GLY A 108 -5.11 -8.03 -28.95
C GLY A 108 -4.02 -8.16 -27.92
N GLY A 109 -2.98 -7.34 -28.08
CA GLY A 109 -1.81 -7.37 -27.21
C GLY A 109 -0.54 -7.63 -27.97
N HIS A 110 0.56 -7.68 -27.23
CA HIS A 110 1.87 -7.91 -27.78
C HIS A 110 2.54 -8.98 -26.94
N HIS A 111 2.87 -10.11 -27.56
CA HIS A 111 3.55 -11.23 -26.88
C HIS A 111 5.01 -11.28 -27.38
N SER A 112 5.83 -12.23 -26.90
CA SER A 112 7.23 -12.37 -27.32
C SER A 112 7.46 -12.40 -28.84
N ARG A 113 6.45 -12.76 -29.65
CA ARG A 113 6.61 -12.73 -31.11
C ARG A 113 5.74 -11.68 -31.82
N GLY A 114 5.36 -10.60 -31.12
CA GLY A 114 4.62 -9.51 -31.75
C GLY A 114 3.14 -9.41 -31.43
N ASN A 115 2.45 -8.61 -32.25
CA ASN A 115 1.03 -8.33 -32.04
C ASN A 115 0.12 -9.45 -32.47
N THR A 116 -1.10 -9.43 -31.92
CA THR A 116 -2.10 -10.44 -32.20
C THR A 116 -3.49 -9.78 -32.32
N ASN A 117 -4.38 -10.46 -33.01
CA ASN A 117 -5.78 -10.06 -33.13
C ASN A 117 -6.67 -11.21 -32.60
N LYS A 118 -6.15 -12.11 -31.73
CA LYS A 118 -6.96 -13.20 -31.18
C LYS A 118 -7.87 -12.63 -30.08
N PHE A 119 -9.02 -13.29 -29.91
CA PHE A 119 -10.04 -12.94 -28.96
C PHE A 119 -10.27 -14.10 -27.98
N TYR A 120 -10.23 -13.80 -26.68
CA TYR A 120 -10.39 -14.77 -25.60
C TYR A 120 -11.51 -14.35 -24.68
N MET A 121 -12.04 -15.32 -23.94
CA MET A 121 -13.12 -15.13 -23.01
C MET A 121 -12.79 -15.96 -21.76
N LEU A 122 -13.10 -15.46 -20.58
CA LEU A 122 -12.88 -16.17 -19.32
C LEU A 122 -14.08 -15.88 -18.41
N ASP A 123 -14.95 -16.90 -18.24
CA ASP A 123 -16.13 -16.76 -17.40
C ASP A 123 -15.67 -16.86 -15.95
N SER A 124 -15.71 -15.74 -15.21
CA SER A 124 -15.28 -15.73 -13.81
C SER A 124 -16.45 -15.99 -12.83
N ARG A 125 -17.64 -16.43 -13.31
CA ARG A 125 -18.78 -16.72 -12.45
C ARG A 125 -18.61 -18.14 -11.89
N ARG A 129 -14.29 -23.79 -8.57
CA ARG A 129 -13.95 -24.41 -9.87
C ARG A 129 -12.78 -23.67 -10.51
N VAL A 130 -11.89 -24.40 -11.25
CA VAL A 130 -10.76 -23.79 -11.93
C VAL A 130 -11.28 -23.04 -13.14
N LEU A 131 -10.90 -21.76 -13.30
CA LEU A 131 -11.39 -20.95 -14.40
C LEU A 131 -10.67 -21.34 -15.71
N GLN A 132 -11.45 -21.49 -16.80
CA GLN A 132 -10.96 -21.90 -18.11
C GLN A 132 -10.99 -20.75 -19.10
N TRP A 133 -9.88 -20.48 -19.78
CA TRP A 133 -9.84 -19.47 -20.83
C TRP A 133 -10.38 -20.14 -22.10
N GLU A 134 -11.08 -19.40 -22.93
CA GLU A 134 -11.61 -19.93 -24.18
C GLU A 134 -11.22 -18.99 -25.32
N ARG A 135 -10.48 -19.47 -26.33
CA ARG A 135 -10.13 -18.67 -27.50
C ARG A 135 -11.32 -18.81 -28.44
N ILE A 136 -11.85 -17.68 -28.89
CA ILE A 136 -13.04 -17.69 -29.74
C ILE A 136 -12.65 -17.53 -31.17
N ASP A 137 -13.02 -18.49 -32.01
CA ASP A 137 -12.76 -18.40 -33.43
C ASP A 137 -13.93 -17.58 -33.96
N CYS A 138 -13.72 -16.28 -34.09
CA CYS A 138 -14.77 -15.37 -34.51
C CYS A 138 -15.06 -15.45 -35.99
N GLN A 139 -16.29 -15.09 -36.37
CA GLN A 139 -16.70 -15.03 -37.77
C GLN A 139 -16.41 -13.59 -38.27
N GLY A 140 -16.40 -13.41 -39.59
CA GLY A 140 -16.13 -12.11 -40.19
C GLY A 140 -14.65 -11.77 -40.21
N ILE A 141 -14.33 -10.59 -40.75
CA ILE A 141 -12.95 -10.12 -40.88
C ILE A 141 -12.54 -9.44 -39.57
N PRO A 142 -11.55 -10.00 -38.84
CA PRO A 142 -11.17 -9.39 -37.57
C PRO A 142 -10.35 -8.10 -37.74
N PRO A 143 -10.14 -7.30 -36.67
CA PRO A 143 -9.23 -6.15 -36.81
C PRO A 143 -7.79 -6.63 -37.09
N SER A 144 -6.91 -5.72 -37.50
CA SER A 144 -5.51 -6.05 -37.67
C SER A 144 -4.87 -6.37 -36.27
N SER A 145 -3.76 -7.12 -36.26
CA SER A 145 -3.07 -7.47 -35.02
C SER A 145 -2.48 -6.21 -34.41
N LYS A 146 -2.83 -5.91 -33.16
CA LYS A 146 -2.46 -4.66 -32.53
C LYS A 146 -2.57 -4.70 -31.00
N ASP A 147 -2.08 -3.63 -30.36
CA ASP A 147 -2.14 -3.45 -28.92
C ASP A 147 -2.41 -1.96 -28.60
N LYS A 148 -2.53 -1.61 -27.29
CA LYS A 148 -2.67 -0.22 -26.84
C LYS A 148 -3.82 0.49 -27.59
N LEU A 149 -4.99 -0.12 -27.52
CA LEU A 149 -6.18 0.40 -28.19
C LEU A 149 -7.21 0.70 -27.07
N GLY A 150 -8.50 0.81 -27.41
CA GLY A 150 -9.56 1.01 -26.46
C GLY A 150 -10.81 0.26 -26.87
N VAL A 151 -11.76 0.13 -25.95
CA VAL A 151 -13.02 -0.56 -26.20
C VAL A 151 -14.15 0.15 -25.45
N TRP A 152 -15.34 0.16 -26.06
CA TRP A 152 -16.61 0.60 -25.52
C TRP A 152 -17.53 -0.63 -25.45
N VAL A 153 -18.35 -0.71 -24.41
CA VAL A 153 -19.29 -1.82 -24.25
C VAL A 153 -20.66 -1.19 -24.47
N TYR A 154 -21.47 -1.76 -25.37
CA TYR A 154 -22.80 -1.22 -25.62
C TYR A 154 -23.74 -2.32 -26.04
N LYS A 155 -24.62 -2.72 -25.10
CA LYS A 155 -25.60 -3.78 -25.32
C LYS A 155 -24.81 -5.09 -25.66
N ASN A 156 -25.09 -5.76 -26.78
CA ASN A 156 -24.40 -6.98 -27.19
C ASN A 156 -23.03 -6.70 -27.86
N LYS A 157 -22.65 -5.44 -28.08
CA LYS A 157 -21.44 -5.12 -28.81
C LYS A 157 -20.26 -4.73 -27.94
N LEU A 158 -19.06 -5.16 -28.38
CA LEU A 158 -17.76 -4.73 -27.87
C LEU A 158 -17.23 -3.96 -29.06
N ILE A 159 -16.99 -2.66 -28.89
CA ILE A 159 -16.57 -1.80 -30.00
C ILE A 159 -15.15 -1.36 -29.73
N PHE A 160 -14.22 -1.81 -30.58
CA PHE A 160 -12.79 -1.54 -30.43
C PHE A 160 -12.36 -0.36 -31.29
N PHE A 161 -11.45 0.46 -30.77
CA PHE A 161 -10.97 1.62 -31.47
C PHE A 161 -9.44 1.78 -31.38
N GLY A 162 -8.83 2.06 -32.53
CA GLY A 162 -7.43 2.43 -32.63
C GLY A 162 -6.44 1.35 -32.30
N GLY A 163 -5.23 1.77 -31.95
CA GLY A 163 -4.15 0.87 -31.58
C GLY A 163 -2.92 0.95 -32.44
N TYR A 164 -1.95 0.10 -32.11
CA TYR A 164 -0.64 0.08 -32.78
C TYR A 164 -0.31 -1.36 -33.16
N GLY A 165 0.03 -1.59 -34.41
CA GLY A 165 0.31 -2.94 -34.89
C GLY A 165 0.66 -2.99 -36.35
N TYR A 166 0.54 -4.19 -36.94
CA TYR A 166 0.90 -4.39 -38.35
C TYR A 166 -0.06 -3.76 -39.32
N LEU A 167 0.41 -3.59 -40.56
CA LEU A 167 -0.42 -3.08 -41.64
C LEU A 167 -1.61 -4.06 -41.85
N PRO A 168 -2.88 -3.61 -41.93
CA PRO A 168 -3.96 -4.59 -42.12
C PRO A 168 -3.84 -5.37 -43.43
N LYS A 171 -8.87 -2.49 -47.72
CA LYS A 171 -8.93 -3.79 -47.04
C LYS A 171 -9.88 -3.70 -45.83
N VAL A 172 -9.66 -2.70 -44.98
CA VAL A 172 -10.39 -2.42 -43.75
C VAL A 172 -10.88 -0.97 -43.90
N LEU A 173 -12.01 -0.64 -43.31
CA LEU A 173 -12.53 0.73 -43.32
C LEU A 173 -11.71 1.54 -42.30
N GLY A 174 -11.32 2.74 -42.68
CA GLY A 174 -10.54 3.63 -41.84
C GLY A 174 -9.17 3.87 -42.42
N THR A 175 -8.27 4.46 -41.63
CA THR A 175 -6.93 4.78 -42.07
C THR A 175 -5.87 4.20 -41.15
N PHE A 176 -4.72 3.85 -41.72
CA PHE A 176 -3.57 3.30 -41.04
C PHE A 176 -2.38 4.17 -41.46
N GLU A 177 -1.58 4.60 -40.48
CA GLU A 177 -0.43 5.48 -40.64
C GLU A 177 0.82 4.74 -40.10
N PHE A 178 1.78 4.42 -40.96
CA PHE A 178 3.01 3.76 -40.52
C PHE A 178 3.82 4.63 -39.57
N ASP A 179 4.49 3.99 -38.62
CA ASP A 179 5.42 4.64 -37.70
C ASP A 179 6.76 4.44 -38.41
N GLU A 180 7.34 5.52 -38.94
CA GLU A 180 8.59 5.45 -39.70
C GLU A 180 9.73 4.81 -38.88
N THR A 181 9.74 4.99 -37.55
CA THR A 181 10.80 4.42 -36.71
C THR A 181 10.76 2.89 -36.67
N SER A 182 9.62 2.25 -36.98
CA SER A 182 9.52 0.79 -36.98
C SER A 182 10.19 0.12 -38.18
N PHE A 183 10.55 0.85 -39.27
CA PHE A 183 11.21 0.23 -40.42
C PHE A 183 12.69 -0.04 -40.18
N TRP A 184 13.34 0.70 -39.30
CA TRP A 184 14.78 0.58 -39.06
C TRP A 184 15.10 -0.05 -37.70
N HIS A 188 9.30 -6.14 -38.77
CA HIS A 188 7.94 -5.98 -39.29
C HIS A 188 7.46 -4.57 -38.99
N PRO A 189 7.25 -3.71 -40.02
CA PRO A 189 6.82 -2.33 -39.72
C PRO A 189 5.41 -2.28 -39.13
N ARG A 190 5.18 -1.28 -38.30
CA ARG A 190 3.92 -1.10 -37.58
C ARG A 190 3.49 0.36 -37.62
N GLY A 191 2.24 0.61 -37.26
CA GLY A 191 1.70 1.95 -37.25
C GLY A 191 0.40 2.07 -36.50
N TRP A 192 -0.17 3.28 -36.51
CA TRP A 192 -1.42 3.62 -35.82
C TRP A 192 -2.62 3.51 -36.73
N ASN A 193 -3.77 3.19 -36.17
CA ASN A 193 -5.01 3.16 -36.94
C ASN A 193 -6.10 3.92 -36.17
N ASP A 194 -7.14 4.35 -36.90
CA ASP A 194 -8.34 4.97 -36.32
C ASP A 194 -9.55 4.01 -36.55
N HIS A 195 -9.30 2.70 -36.66
CA HIS A 195 -10.35 1.75 -37.01
C HIS A 195 -11.34 1.55 -35.91
N VAL A 196 -12.60 1.37 -36.30
CA VAL A 196 -13.67 1.03 -35.38
C VAL A 196 -14.12 -0.35 -35.82
N HIS A 197 -14.07 -1.34 -34.90
CA HIS A 197 -14.54 -2.70 -35.19
C HIS A 197 -15.56 -3.10 -34.13
N ILE A 198 -16.60 -3.80 -34.53
CA ILE A 198 -17.61 -4.30 -33.62
C ILE A 198 -17.44 -5.79 -33.53
N LEU A 199 -17.41 -6.34 -32.33
CA LEU A 199 -17.52 -7.76 -32.14
C LEU A 199 -18.92 -7.96 -31.51
N ASP A 200 -19.82 -8.58 -32.25
CA ASP A 200 -21.18 -8.83 -31.79
C ASP A 200 -21.13 -10.08 -30.93
N THR A 201 -21.33 -9.98 -29.60
CA THR A 201 -21.24 -11.15 -28.73
C THR A 201 -22.45 -12.12 -28.86
N GLU A 202 -23.48 -11.75 -29.62
CA GLU A 202 -24.59 -12.66 -29.89
C GLU A 202 -24.14 -13.79 -30.83
N THR A 203 -23.25 -13.50 -31.77
CA THR A 203 -22.79 -14.51 -32.74
C THR A 203 -21.26 -14.61 -32.84
N PHE A 204 -20.51 -13.81 -32.07
CA PHE A 204 -19.05 -13.68 -32.15
C PHE A 204 -18.63 -13.40 -33.59
N THR A 205 -19.25 -12.36 -34.19
CA THR A 205 -18.97 -11.94 -35.55
C THR A 205 -18.42 -10.53 -35.52
N TRP A 206 -17.28 -10.34 -36.21
CA TRP A 206 -16.66 -9.05 -36.38
C TRP A 206 -17.34 -8.32 -37.53
N SER A 207 -17.38 -6.99 -37.43
CA SER A 207 -17.90 -6.13 -38.50
C SER A 207 -17.37 -4.70 -38.28
N GLN A 208 -17.59 -3.81 -39.23
CA GLN A 208 -17.20 -2.41 -39.07
C GLN A 208 -18.40 -1.55 -39.37
N PRO A 209 -18.77 -0.60 -38.49
CA PRO A 209 -19.87 0.31 -38.84
C PRO A 209 -19.37 1.40 -39.80
N ILE A 210 -20.29 1.98 -40.56
CA ILE A 210 -19.98 3.10 -41.42
C ILE A 210 -20.18 4.32 -40.51
N THR A 211 -19.13 5.07 -40.23
CA THR A 211 -19.24 6.22 -39.34
C THR A 211 -19.34 7.54 -40.11
N THR A 212 -19.96 8.55 -39.50
CA THR A 212 -20.06 9.91 -40.04
C THR A 212 -19.32 10.86 -39.06
N GLY A 213 -19.09 12.11 -39.47
CA GLY A 213 -18.38 13.08 -38.65
C GLY A 213 -16.87 12.90 -38.76
N LYS A 214 -16.14 13.84 -38.17
CA LYS A 214 -14.67 13.79 -38.23
C LYS A 214 -14.15 12.85 -37.14
N ALA A 215 -13.61 11.72 -37.56
CA ALA A 215 -13.07 10.75 -36.62
C ALA A 215 -11.80 11.33 -35.97
N PRO A 216 -11.40 10.90 -34.75
CA PRO A 216 -10.08 11.32 -34.25
C PRO A 216 -9.00 10.73 -35.17
N SER A 217 -7.81 11.33 -35.20
CA SER A 217 -6.70 10.81 -36.00
C SER A 217 -6.37 9.34 -35.59
N PRO A 218 -5.68 8.52 -36.41
CA PRO A 218 -5.15 7.23 -35.88
C PRO A 218 -4.37 7.46 -34.57
N ARG A 219 -4.36 6.49 -33.66
CA ARG A 219 -3.67 6.65 -32.38
C ARG A 219 -3.58 5.37 -31.62
N ALA A 220 -2.70 5.34 -30.63
CA ALA A 220 -2.58 4.22 -29.71
C ALA A 220 -2.27 4.80 -28.33
N ALA A 221 -2.48 4.01 -27.26
CA ALA A 221 -2.27 4.45 -25.86
C ALA A 221 -3.21 5.63 -25.48
N HIS A 222 -4.35 5.74 -26.20
CA HIS A 222 -5.46 6.63 -25.88
C HIS A 222 -6.27 5.91 -24.76
N ALA A 223 -7.26 6.57 -24.19
CA ALA A 223 -8.11 5.96 -23.16
C ALA A 223 -9.58 6.10 -23.57
N CYS A 224 -10.35 5.01 -23.47
CA CYS A 224 -11.76 4.95 -23.80
C CYS A 224 -12.62 4.78 -22.54
N ALA A 225 -13.81 5.40 -22.54
CA ALA A 225 -14.79 5.28 -21.45
C ALA A 225 -16.19 5.34 -22.05
N THR A 226 -17.12 4.52 -21.56
CA THR A 226 -18.50 4.51 -22.10
C THR A 226 -19.45 5.03 -21.07
N VAL A 227 -20.33 5.95 -21.45
CA VAL A 227 -21.43 6.42 -20.61
C VAL A 227 -22.65 6.52 -21.54
N GLY A 228 -23.73 5.80 -21.22
CA GLY A 228 -24.92 5.76 -22.07
C GLY A 228 -24.57 5.22 -23.45
N ASN A 229 -24.98 5.92 -24.50
CA ASN A 229 -24.63 5.52 -25.88
C ASN A 229 -23.43 6.32 -26.40
N ARG A 230 -22.57 6.89 -25.52
CA ARG A 230 -21.43 7.67 -25.97
C ARG A 230 -20.13 6.95 -25.63
N GLY A 231 -19.34 6.68 -26.65
CA GLY A 231 -18.03 6.08 -26.49
C GLY A 231 -16.97 7.18 -26.51
N PHE A 232 -16.56 7.65 -25.34
CA PHE A 232 -15.56 8.71 -25.22
C PHE A 232 -14.14 8.18 -25.48
N VAL A 233 -13.29 9.03 -26.05
CA VAL A 233 -11.89 8.73 -26.24
C VAL A 233 -11.11 10.02 -25.97
N PHE A 234 -10.04 9.94 -25.15
CA PHE A 234 -9.22 11.09 -24.80
C PHE A 234 -7.75 10.78 -25.09
N GLY A 235 -7.04 11.76 -25.66
CA GLY A 235 -5.62 11.70 -25.92
C GLY A 235 -5.11 10.54 -26.74
N GLY A 236 -3.88 10.12 -26.45
CA GLY A 236 -3.20 9.05 -27.18
C GLY A 236 -1.99 9.56 -27.94
N ARG A 237 -1.20 8.63 -28.45
CA ARG A 237 0.00 8.93 -29.23
C ARG A 237 -0.31 8.81 -30.72
N TYR A 238 0.18 9.77 -31.51
CA TYR A 238 0.08 9.75 -32.97
C TYR A 238 1.25 10.54 -33.51
N ARG A 239 2.05 9.93 -34.41
CA ARG A 239 3.24 10.57 -35.00
C ARG A 239 4.18 11.09 -33.87
N ASP A 240 4.52 12.38 -33.76
CA ASP A 240 5.40 12.86 -32.69
C ASP A 240 4.64 13.56 -31.56
N ALA A 241 3.31 13.34 -31.43
CA ALA A 241 2.51 14.00 -30.42
C ALA A 241 1.74 13.05 -29.50
N ARG A 242 1.56 13.46 -28.24
CA ARG A 242 0.72 12.81 -27.24
C ARG A 242 -0.34 13.89 -27.06
N MET A 243 -1.56 13.61 -27.52
CA MET A 243 -2.60 14.59 -27.76
C MET A 243 -3.55 14.90 -26.61
N ASN A 244 -4.25 16.06 -26.75
CA ASN A 244 -5.16 16.59 -25.72
C ASN A 244 -6.61 16.67 -26.17
N ASP A 245 -6.98 15.98 -27.24
CA ASP A 245 -8.32 16.07 -27.79
C ASP A 245 -9.29 15.07 -27.17
N LEU A 246 -10.56 15.44 -27.14
CA LEU A 246 -11.60 14.63 -26.57
C LEU A 246 -12.70 14.48 -27.61
N HIS A 247 -13.14 13.24 -27.86
CA HIS A 247 -14.20 12.90 -28.80
C HIS A 247 -15.11 11.84 -28.20
N TYR A 248 -16.27 11.67 -28.80
CA TYR A 248 -17.13 10.56 -28.49
C TYR A 248 -17.75 10.05 -29.79
N LEU A 249 -17.89 8.74 -29.90
CA LEU A 249 -18.57 8.09 -31.00
C LEU A 249 -19.97 7.78 -30.45
N ASN A 250 -21.03 8.23 -31.16
CA ASN A 250 -22.39 7.90 -30.77
C ASN A 250 -22.57 6.43 -31.17
N LEU A 251 -22.84 5.55 -30.20
CA LEU A 251 -22.89 4.11 -30.45
C LEU A 251 -24.23 3.63 -31.02
N ASP A 252 -25.19 4.54 -31.26
CA ASP A 252 -26.47 4.27 -31.89
C ASP A 252 -26.41 4.72 -33.35
N THR A 253 -25.90 5.95 -33.63
CA THR A 253 -25.90 6.46 -35.00
C THR A 253 -24.54 6.38 -35.71
N TRP A 254 -23.47 6.03 -34.98
CA TRP A 254 -22.13 5.95 -35.50
C TRP A 254 -21.60 7.33 -35.97
N GLU A 255 -22.09 8.43 -35.35
CA GLU A 255 -21.63 9.78 -35.63
C GLU A 255 -20.52 10.15 -34.62
N TRP A 256 -19.38 10.59 -35.15
CA TRP A 256 -18.24 11.05 -34.35
C TRP A 256 -18.48 12.51 -33.98
N ASN A 257 -18.13 12.90 -32.75
CA ASN A 257 -18.28 14.27 -32.26
C ASN A 257 -17.01 14.70 -31.54
N GLU A 258 -16.50 15.91 -31.80
CA GLU A 258 -15.35 16.42 -31.06
C GLU A 258 -15.88 17.33 -29.95
N LEU A 259 -15.34 17.18 -28.74
CA LEU A 259 -15.72 17.99 -27.61
C LEU A 259 -14.62 19.02 -27.35
N ILE A 260 -15.01 20.31 -27.29
CA ILE A 260 -14.12 21.42 -27.03
C ILE A 260 -14.58 21.99 -25.70
N PRO A 261 -14.10 21.46 -24.55
CA PRO A 261 -14.57 22.03 -23.27
C PRO A 261 -14.19 23.48 -23.09
N GLN A 262 -14.93 24.19 -22.25
CA GLN A 262 -14.65 25.58 -21.98
C GLN A 262 -13.68 25.68 -20.83
N GLY A 263 -12.75 26.62 -20.93
CA GLY A 263 -11.78 26.87 -19.88
C GLY A 263 -10.54 26.01 -19.95
N ILE A 264 -9.97 25.71 -18.78
CA ILE A 264 -8.72 24.99 -18.67
C ILE A 264 -8.96 23.52 -18.99
N CYS A 265 -8.07 22.93 -19.81
CA CYS A 265 -8.16 21.52 -20.18
C CYS A 265 -6.87 20.82 -19.78
N PRO A 266 -6.88 19.51 -19.51
CA PRO A 266 -5.62 18.83 -19.14
C PRO A 266 -4.60 18.81 -20.28
N VAL A 267 -3.31 18.73 -19.93
CA VAL A 267 -2.23 18.63 -20.92
C VAL A 267 -2.41 17.33 -21.75
N GLY A 268 -1.97 17.37 -23.00
CA GLY A 268 -2.03 16.19 -23.87
C GLY A 268 -1.15 15.07 -23.34
N ARG A 269 -1.59 13.81 -23.55
CA ARG A 269 -0.89 12.66 -23.00
C ARG A 269 -1.34 11.34 -23.68
N SER A 270 -0.57 10.28 -23.41
CA SER A 270 -0.92 8.91 -23.74
C SER A 270 -0.67 8.10 -22.46
N TRP A 271 -1.07 6.81 -22.44
CA TRP A 271 -0.81 5.92 -21.31
C TRP A 271 -1.47 6.37 -19.98
N HIS A 272 -2.50 7.19 -20.09
CA HIS A 272 -3.33 7.67 -18.99
C HIS A 272 -4.53 6.74 -18.88
N SER A 273 -5.30 6.87 -17.79
CA SER A 273 -6.57 6.15 -17.66
C SER A 273 -7.73 7.15 -17.71
N LEU A 274 -8.89 6.70 -18.21
CA LEU A 274 -10.13 7.48 -18.29
C LEU A 274 -11.24 6.53 -17.87
N THR A 275 -11.89 6.79 -16.75
CA THR A 275 -12.83 5.85 -16.16
C THR A 275 -14.19 6.49 -15.90
N PRO A 276 -15.31 5.86 -16.34
CA PRO A 276 -16.62 6.45 -15.99
C PRO A 276 -16.89 6.22 -14.50
N VAL A 277 -17.23 7.28 -13.74
CA VAL A 277 -17.51 7.17 -12.30
C VAL A 277 -18.98 7.46 -11.95
N SER A 278 -19.79 7.92 -12.91
CA SER A 278 -21.22 8.14 -12.73
C SER A 278 -21.86 8.29 -14.13
N SER A 279 -23.18 8.51 -14.23
CA SER A 279 -23.78 8.77 -15.52
C SER A 279 -23.38 10.17 -16.06
N ASP A 280 -22.55 10.95 -15.35
CA ASP A 280 -22.18 12.30 -15.79
C ASP A 280 -20.69 12.65 -15.62
N HIS A 281 -19.81 11.72 -15.19
CA HIS A 281 -18.41 12.06 -14.95
C HIS A 281 -17.45 10.98 -15.40
N LEU A 282 -16.31 11.41 -15.97
CA LEU A 282 -15.20 10.56 -16.38
C LEU A 282 -14.02 11.02 -15.52
N PHE A 283 -13.22 10.08 -15.04
CA PHE A 283 -12.09 10.38 -14.18
C PHE A 283 -10.80 10.07 -14.92
N LEU A 284 -9.95 11.08 -15.08
CA LEU A 284 -8.68 11.01 -15.78
C LEU A 284 -7.54 10.98 -14.80
N PHE A 285 -6.55 10.09 -14.98
CA PHE A 285 -5.37 10.09 -14.13
C PHE A 285 -4.12 9.67 -14.90
N GLY A 286 -3.01 10.35 -14.61
CA GLY A 286 -1.68 9.98 -15.09
C GLY A 286 -1.44 10.12 -16.57
N GLY A 287 -0.45 9.39 -17.05
CA GLY A 287 -0.08 9.43 -18.44
C GLY A 287 1.32 9.97 -18.64
N PHE A 288 1.60 10.33 -19.88
CA PHE A 288 2.91 10.73 -20.33
C PHE A 288 2.75 11.81 -21.41
N THR A 289 3.40 12.96 -21.26
CA THR A 289 3.26 14.07 -22.21
C THR A 289 4.14 13.88 -23.46
N THR A 290 3.94 14.73 -24.48
CA THR A 290 4.76 14.75 -25.70
C THR A 290 6.25 14.89 -25.35
N ASP A 291 6.56 15.78 -24.38
CA ASP A 291 7.93 16.02 -23.93
C ASP A 291 8.42 15.01 -22.87
N LYS A 292 7.75 13.85 -22.76
CA LYS A 292 8.15 12.73 -21.92
C LYS A 292 8.15 13.01 -20.43
N GLN A 293 7.13 13.74 -19.94
CA GLN A 293 7.00 13.99 -18.51
C GLN A 293 6.01 12.95 -17.90
N PRO A 294 6.38 12.16 -16.86
CA PRO A 294 5.36 11.28 -16.23
C PRO A 294 4.33 12.18 -15.51
N LEU A 295 3.05 11.82 -15.54
CA LEU A 295 2.00 12.65 -14.93
C LEU A 295 1.33 12.05 -13.71
N SER A 296 1.07 12.91 -12.71
CA SER A 296 0.35 12.56 -11.48
C SER A 296 -0.92 13.43 -11.29
N ASP A 297 -1.31 14.24 -12.31
CA ASP A 297 -2.52 15.04 -12.20
C ASP A 297 -3.77 14.16 -12.40
N ALA A 298 -4.87 14.56 -11.76
CA ALA A 298 -6.13 13.86 -11.84
C ALA A 298 -7.21 14.88 -12.11
N TRP A 299 -8.16 14.54 -12.98
CA TRP A 299 -9.24 15.44 -13.35
C TRP A 299 -10.55 14.68 -13.51
N THR A 300 -11.67 15.40 -13.43
CA THR A 300 -12.97 14.83 -13.75
C THR A 300 -13.50 15.61 -14.93
N TYR A 301 -14.05 14.92 -15.92
CA TYR A 301 -14.73 15.59 -17.03
C TYR A 301 -16.22 15.47 -16.74
N CYS A 302 -16.89 16.60 -16.57
CA CYS A 302 -18.33 16.60 -16.34
C CYS A 302 -18.97 16.62 -17.71
N ILE A 303 -19.70 15.54 -18.06
CA ILE A 303 -20.31 15.41 -19.39
C ILE A 303 -21.39 16.48 -19.67
N SER A 304 -22.32 16.65 -18.74
CA SER A 304 -23.43 17.61 -18.87
C SER A 304 -22.95 19.07 -18.97
N LYS A 305 -21.90 19.44 -18.22
CA LYS A 305 -21.35 20.81 -18.26
C LYS A 305 -20.29 20.99 -19.38
N ASN A 306 -19.74 19.87 -19.94
CA ASN A 306 -18.65 19.88 -20.93
C ASN A 306 -17.48 20.67 -20.34
N GLU A 307 -17.03 20.24 -19.16
CA GLU A 307 -16.03 20.97 -18.40
C GLU A 307 -15.13 20.02 -17.62
N TRP A 308 -13.83 20.34 -17.55
CA TRP A 308 -12.84 19.58 -16.78
C TRP A 308 -12.68 20.26 -15.41
N ILE A 309 -12.49 19.47 -14.36
CA ILE A 309 -12.31 19.98 -12.99
C ILE A 309 -11.10 19.23 -12.46
N GLN A 310 -10.02 19.96 -12.07
CA GLN A 310 -8.85 19.30 -11.54
C GLN A 310 -9.16 18.74 -10.16
N PHE A 311 -8.78 17.50 -9.91
CA PHE A 311 -9.11 16.75 -8.69
C PHE A 311 -7.88 16.70 -7.77
N ASN A 312 -8.04 17.13 -6.52
CA ASN A 312 -6.95 17.10 -5.55
C ASN A 312 -6.91 15.75 -4.89
N HIS A 313 -5.70 15.20 -4.75
CA HIS A 313 -5.51 13.87 -4.20
C HIS A 313 -4.14 13.78 -3.51
N PRO A 314 -3.90 12.78 -2.62
CA PRO A 314 -2.59 12.71 -1.95
C PRO A 314 -1.46 12.03 -2.76
N TYR A 315 -1.66 11.73 -4.05
CA TYR A 315 -0.66 11.00 -4.85
C TYR A 315 0.09 11.87 -5.90
N THR A 316 0.34 13.14 -5.59
CA THR A 316 1.06 14.06 -6.49
C THR A 316 2.49 13.57 -6.79
N GLU A 317 3.14 12.89 -5.85
CA GLU A 317 4.50 12.39 -6.07
C GLU A 317 4.50 10.96 -6.63
N LYS A 318 3.35 10.42 -7.05
CA LYS A 318 3.28 9.07 -7.61
C LYS A 318 2.71 9.15 -9.03
N PRO A 319 3.44 9.75 -9.99
CA PRO A 319 2.95 9.72 -11.38
C PRO A 319 2.92 8.29 -11.89
N ARG A 320 2.01 7.99 -12.82
CA ARG A 320 1.90 6.64 -13.37
C ARG A 320 1.56 6.70 -14.82
N LEU A 321 2.16 5.82 -15.60
CA LEU A 321 1.85 5.66 -17.01
C LEU A 321 1.72 4.19 -17.28
N TRP A 322 0.70 3.82 -18.09
CA TRP A 322 0.42 2.44 -18.46
C TRP A 322 -0.04 1.58 -17.25
N HIS A 323 -0.65 2.26 -16.28
CA HIS A 323 -1.33 1.67 -15.13
C HIS A 323 -2.74 1.31 -15.64
N THR A 324 -3.55 0.70 -14.80
CA THR A 324 -4.97 0.48 -15.10
C THR A 324 -5.78 1.26 -14.06
N ALA A 325 -7.07 1.51 -14.33
CA ALA A 325 -7.98 2.13 -13.38
C ALA A 325 -9.36 1.48 -13.52
N CYS A 326 -9.96 1.07 -12.40
CA CYS A 326 -11.28 0.43 -12.38
C CYS A 326 -12.16 1.16 -11.36
N ALA A 327 -13.40 1.49 -11.73
CA ALA A 327 -14.34 2.12 -10.80
C ALA A 327 -14.91 1.04 -9.89
N SER A 328 -15.12 1.37 -8.61
CA SER A 328 -15.79 0.48 -7.66
C SER A 328 -17.27 0.96 -7.56
N ASP A 329 -18.14 0.12 -6.97
CA ASP A 329 -19.54 0.49 -6.76
C ASP A 329 -19.71 1.61 -5.72
N GLU A 330 -18.69 1.88 -4.87
CA GLU A 330 -18.75 2.93 -3.87
C GLU A 330 -18.17 4.28 -4.38
N GLY A 331 -18.15 4.49 -5.71
CA GLY A 331 -17.68 5.73 -6.30
C GLY A 331 -16.17 5.92 -6.42
N GLU A 332 -15.36 4.99 -5.92
CA GLU A 332 -13.90 5.12 -5.98
C GLU A 332 -13.29 4.64 -7.28
N VAL A 333 -12.09 5.12 -7.62
CA VAL A 333 -11.32 4.65 -8.77
C VAL A 333 -10.09 3.97 -8.18
N ILE A 334 -9.85 2.71 -8.59
CA ILE A 334 -8.75 1.90 -8.09
C ILE A 334 -7.70 1.82 -9.19
N VAL A 335 -6.56 2.48 -8.99
CA VAL A 335 -5.44 2.49 -9.94
C VAL A 335 -4.45 1.42 -9.51
N PHE A 336 -3.95 0.61 -10.47
CA PHE A 336 -2.97 -0.42 -10.15
C PHE A 336 -1.86 -0.44 -11.18
N GLY A 337 -0.66 -0.68 -10.71
CA GLY A 337 0.48 -0.90 -11.58
C GLY A 337 0.91 0.34 -12.33
N GLY A 338 1.50 0.10 -13.48
CA GLY A 338 2.05 1.17 -14.29
C GLY A 338 3.45 1.51 -13.84
N CYS A 339 4.04 2.51 -14.51
CA CYS A 339 5.41 2.89 -14.28
C CYS A 339 5.46 4.31 -13.75
N ALA A 340 6.33 4.59 -12.76
CA ALA A 340 6.46 5.94 -12.21
C ALA A 340 7.30 6.88 -13.07
N ASN A 341 8.11 6.36 -13.98
CA ASN A 341 8.98 7.21 -14.80
C ASN A 341 8.89 6.77 -16.28
N ASN A 342 9.78 7.28 -17.15
CA ASN A 342 9.79 6.93 -18.55
C ASN A 342 10.16 5.46 -18.75
N LEU A 343 9.14 4.60 -18.91
CA LEU A 343 9.32 3.17 -19.14
C LEU A 343 10.06 2.86 -20.45
N LEU A 344 10.18 3.82 -21.38
CA LEU A 344 10.95 3.59 -22.61
C LEU A 344 12.46 3.44 -22.32
N VAL A 345 12.95 3.89 -21.13
CA VAL A 345 14.35 3.64 -20.69
C VAL A 345 14.19 2.38 -19.85
N HIS A 346 14.18 1.21 -20.52
CA HIS A 346 13.85 -0.06 -19.86
C HIS A 346 14.73 -0.39 -18.65
N HIS A 347 16.04 -0.14 -18.73
CA HIS A 347 16.96 -0.44 -17.64
C HIS A 347 16.75 0.42 -16.36
N ARG A 348 15.99 1.53 -16.44
CA ARG A 348 15.70 2.40 -15.29
C ARG A 348 14.20 2.46 -14.98
N ALA A 349 13.33 1.65 -15.68
CA ALA A 349 11.88 1.71 -15.48
C ALA A 349 11.47 1.40 -14.04
N ALA A 350 10.62 2.26 -13.47
CA ALA A 350 10.16 2.09 -12.09
C ALA A 350 8.74 1.51 -12.11
N HIS A 351 8.61 0.20 -12.45
CA HIS A 351 7.32 -0.48 -12.47
C HIS A 351 6.78 -0.58 -11.06
N SER A 352 5.46 -0.46 -10.92
CA SER A 352 4.83 -0.46 -9.60
C SER A 352 3.79 -1.56 -9.42
N ASN A 353 3.59 -1.98 -8.17
CA ASN A 353 2.51 -2.88 -7.77
C ASN A 353 1.58 -2.16 -6.75
N GLU A 354 1.63 -0.81 -6.68
CA GLU A 354 0.84 -0.07 -5.72
C GLU A 354 -0.57 0.10 -6.19
N ILE A 355 -1.49 0.08 -5.21
CA ILE A 355 -2.91 0.37 -5.40
C ILE A 355 -3.05 1.83 -4.97
N LEU A 356 -3.62 2.67 -5.84
CA LEU A 356 -3.85 4.08 -5.55
C LEU A 356 -5.36 4.25 -5.58
N ILE A 357 -5.97 4.75 -4.49
CA ILE A 357 -7.44 4.86 -4.39
C ILE A 357 -7.88 6.32 -4.42
N PHE A 358 -8.73 6.68 -5.39
CA PHE A 358 -9.26 8.04 -5.52
C PHE A 358 -10.74 8.01 -5.12
N SER A 359 -11.14 8.80 -4.11
CA SER A 359 -12.52 8.90 -3.65
C SER A 359 -13.17 10.00 -4.49
N VAL A 360 -13.75 9.64 -5.63
CA VAL A 360 -14.26 10.62 -6.60
C VAL A 360 -15.66 11.12 -6.25
N ALA B 28 8.80 -8.89 -2.30
CA ALA B 28 8.74 -7.44 -2.52
C ALA B 28 8.25 -6.70 -1.27
N CYS B 29 7.19 -7.20 -0.60
CA CYS B 29 6.68 -6.58 0.62
C CYS B 29 6.68 -7.60 1.79
N PRO B 30 6.83 -7.17 3.06
CA PRO B 30 6.85 -8.14 4.17
C PRO B 30 5.48 -8.71 4.47
N ALA B 31 5.44 -9.91 5.02
CA ALA B 31 4.17 -10.53 5.41
C ALA B 31 3.55 -9.75 6.58
N GLU B 32 2.23 -9.82 6.69
CA GLU B 32 1.47 -9.20 7.77
C GLU B 32 1.90 -9.73 9.13
N ARG B 33 1.79 -8.90 10.16
CA ARG B 33 2.22 -9.28 11.50
C ARG B 33 1.81 -8.27 12.57
N SER B 34 1.79 -8.74 13.82
CA SER B 34 1.59 -7.92 15.01
C SER B 34 2.69 -8.30 16.01
N GLY B 35 2.95 -7.43 16.96
CA GLY B 35 3.95 -7.73 17.99
C GLY B 35 5.39 -7.73 17.51
N HIS B 36 5.63 -7.23 16.30
CA HIS B 36 6.96 -7.12 15.74
C HIS B 36 7.68 -5.87 16.34
N VAL B 37 8.96 -5.70 16.00
CA VAL B 37 9.70 -4.50 16.35
C VAL B 37 9.96 -3.70 15.07
N ALA B 38 10.07 -2.39 15.21
CA ALA B 38 10.45 -1.52 14.12
C ALA B 38 11.20 -0.35 14.72
N VAL B 39 12.39 -0.11 14.21
CA VAL B 39 13.23 0.97 14.69
C VAL B 39 13.80 1.68 13.47
N SER B 40 14.22 2.92 13.63
CA SER B 40 14.72 3.68 12.49
C SER B 40 15.79 4.69 12.86
N ASP B 41 16.51 5.13 11.84
CA ASP B 41 17.49 6.20 11.94
C ASP B 41 16.94 7.50 11.29
N GLY B 42 15.62 7.63 11.15
CA GLY B 42 15.00 8.75 10.47
C GLY B 42 14.87 8.55 8.97
N ARG B 43 15.56 7.57 8.38
CA ARG B 43 15.49 7.34 6.92
C ARG B 43 15.14 5.89 6.57
N HIS B 44 15.79 4.93 7.23
CA HIS B 44 15.56 3.51 7.01
C HIS B 44 14.90 2.97 8.26
N MET B 45 13.85 2.16 8.11
CA MET B 45 13.14 1.51 9.20
C MET B 45 13.43 0.01 9.14
N PHE B 46 13.90 -0.57 10.24
CA PHE B 46 14.25 -1.98 10.35
C PHE B 46 13.15 -2.67 11.12
N VAL B 47 12.52 -3.69 10.49
CA VAL B 47 11.42 -4.45 11.03
C VAL B 47 11.88 -5.90 11.27
N TRP B 48 11.57 -6.45 12.46
CA TRP B 48 11.92 -7.81 12.81
C TRP B 48 10.82 -8.46 13.65
N GLY B 49 10.69 -9.78 13.52
CA GLY B 49 9.85 -10.58 14.38
C GLY B 49 8.35 -10.41 14.24
N GLY B 50 7.67 -10.64 15.35
CA GLY B 50 6.23 -10.62 15.42
C GLY B 50 5.65 -11.98 15.05
N TYR B 51 4.33 -12.03 14.90
CA TYR B 51 3.63 -13.26 14.55
C TYR B 51 2.40 -12.91 13.66
N LYS B 52 1.84 -13.93 13.03
CA LYS B 52 0.64 -13.81 12.19
C LYS B 52 -0.25 -15.06 12.35
N SER B 53 -1.47 -15.02 11.79
CA SER B 53 -2.42 -16.14 11.87
C SER B 53 -2.34 -16.99 10.62
N PHE B 62 1.73 -18.49 14.04
CA PHE B 62 3.14 -18.76 13.87
C PHE B 62 4.00 -17.47 13.85
N TYR B 63 5.23 -17.58 14.37
CA TYR B 63 6.16 -16.45 14.40
C TYR B 63 6.78 -16.26 13.04
N LEU B 64 7.08 -15.00 12.67
CA LEU B 64 7.72 -14.70 11.39
C LEU B 64 9.21 -15.16 11.44
N PRO B 65 9.86 -15.52 10.31
CA PRO B 65 11.24 -16.05 10.41
C PRO B 65 12.25 -15.19 11.18
N ARG B 66 12.88 -15.78 12.22
CA ARG B 66 13.85 -15.10 13.09
C ARG B 66 15.03 -14.45 12.34
N GLU B 67 15.54 -15.09 11.26
CA GLU B 67 16.69 -14.61 10.51
C GLU B 67 16.36 -13.49 9.51
N GLU B 68 15.07 -13.19 9.26
CA GLU B 68 14.73 -12.12 8.32
C GLU B 68 14.75 -10.76 9.00
N LEU B 69 15.24 -9.75 8.27
CA LEU B 69 15.24 -8.36 8.73
C LEU B 69 14.77 -7.56 7.53
N TRP B 70 13.62 -6.88 7.66
CA TRP B 70 13.05 -6.09 6.57
C TRP B 70 13.45 -4.64 6.75
N ILE B 71 13.87 -3.99 5.66
CA ILE B 71 14.30 -2.60 5.70
C ILE B 71 13.37 -1.83 4.78
N TYR B 72 12.66 -0.84 5.31
CA TYR B 72 11.78 0.02 4.53
C TYR B 72 12.46 1.39 4.37
N ASN B 73 12.65 1.84 3.12
CA ASN B 73 13.23 3.15 2.87
C ASN B 73 12.08 4.14 2.95
N MET B 74 12.11 5.03 3.94
CA MET B 74 11.02 6.00 4.18
C MET B 74 10.89 7.05 3.07
N GLU B 75 11.97 7.28 2.30
CA GLU B 75 11.94 8.27 1.22
C GLU B 75 11.35 7.70 -0.10
N THR B 76 11.72 6.47 -0.47
CA THR B 76 11.24 5.86 -1.71
C THR B 76 9.99 4.98 -1.52
N GLY B 77 9.74 4.52 -0.29
CA GLY B 77 8.63 3.63 -0.01
C GLY B 77 8.88 2.20 -0.45
N ARG B 78 10.15 1.79 -0.59
CA ARG B 78 10.49 0.44 -1.03
C ARG B 78 11.03 -0.40 0.11
N TRP B 79 10.77 -1.71 0.04
CA TRP B 79 11.22 -2.67 1.04
C TRP B 79 12.36 -3.54 0.49
N LYS B 80 13.23 -3.98 1.39
CA LYS B 80 14.34 -4.88 1.07
C LYS B 80 14.45 -5.88 2.22
N LYS B 81 14.51 -7.17 1.91
CA LYS B 81 14.67 -8.20 2.93
C LYS B 81 16.12 -8.67 2.90
N ILE B 82 16.72 -8.84 4.08
CA ILE B 82 18.05 -9.41 4.18
C ILE B 82 18.02 -10.51 5.26
N ASN B 83 18.84 -11.54 5.08
CA ASN B 83 18.94 -12.62 6.06
C ASN B 83 20.15 -12.33 6.94
N THR B 84 19.97 -12.41 8.24
CA THR B 84 21.03 -12.14 9.21
C THR B 84 21.65 -13.46 9.70
N GLU B 85 22.79 -13.40 10.35
CA GLU B 85 23.51 -14.56 10.88
C GLU B 85 23.95 -14.21 12.34
N GLY B 86 24.84 -15.01 12.92
CA GLY B 86 25.34 -14.76 14.27
C GLY B 86 24.40 -15.33 15.31
N ASP B 87 24.29 -14.67 16.47
CA ASP B 87 23.43 -15.10 17.57
C ASP B 87 22.02 -14.62 17.28
N VAL B 88 21.37 -15.23 16.27
CA VAL B 88 20.04 -14.79 15.84
C VAL B 88 19.07 -15.01 16.98
N PRO B 89 18.35 -13.98 17.47
CA PRO B 89 17.42 -14.24 18.59
C PRO B 89 16.30 -15.20 18.16
N PRO B 90 15.63 -15.89 19.11
CA PRO B 90 14.48 -16.71 18.70
C PRO B 90 13.36 -15.80 18.16
N SER B 91 12.45 -16.34 17.32
CA SER B 91 11.35 -15.53 16.80
C SER B 91 10.44 -15.14 17.96
N MET B 92 10.12 -13.84 18.07
CA MET B 92 9.34 -13.36 19.21
C MET B 92 8.35 -12.31 18.86
N SER B 93 7.33 -12.20 19.71
CA SER B 93 6.39 -11.10 19.71
C SER B 93 6.74 -10.29 20.99
N GLY B 94 6.41 -9.02 20.99
CA GLY B 94 6.55 -8.18 22.17
C GLY B 94 7.96 -7.85 22.65
N SER B 95 8.97 -8.02 21.78
CA SER B 95 10.31 -7.60 22.12
C SER B 95 10.36 -6.06 22.12
N CYS B 96 11.37 -5.52 22.79
CA CYS B 96 11.58 -4.10 22.94
C CYS B 96 12.90 -3.74 22.27
N ALA B 97 12.85 -2.89 21.24
CA ALA B 97 14.04 -2.55 20.46
C ALA B 97 14.24 -1.05 20.30
N VAL B 98 15.50 -0.64 20.05
CA VAL B 98 15.88 0.75 19.77
C VAL B 98 16.98 0.75 18.72
N CYS B 99 17.10 1.88 18.02
CA CYS B 99 18.18 2.12 17.07
C CYS B 99 18.90 3.38 17.55
N VAL B 100 20.19 3.25 17.89
CA VAL B 100 21.04 4.37 18.32
C VAL B 100 22.25 4.33 17.41
N ASP B 101 22.46 5.37 16.57
CA ASP B 101 23.55 5.43 15.56
C ASP B 101 23.62 4.17 14.70
N ARG B 102 22.46 3.71 14.22
CA ARG B 102 22.34 2.52 13.39
C ARG B 102 22.82 1.22 14.07
N VAL B 103 22.95 1.23 15.41
CA VAL B 103 23.19 0.01 16.16
C VAL B 103 21.81 -0.32 16.76
N LEU B 104 21.28 -1.52 16.43
CA LEU B 104 19.98 -2.00 16.88
C LEU B 104 20.17 -2.79 18.16
N TYR B 105 19.35 -2.51 19.18
CA TYR B 105 19.44 -3.19 20.47
C TYR B 105 18.08 -3.78 20.73
N LEU B 106 18.04 -5.03 21.18
CA LEU B 106 16.79 -5.73 21.41
C LEU B 106 16.79 -6.46 22.76
N PHE B 107 15.74 -6.22 23.54
CA PHE B 107 15.57 -6.82 24.86
C PHE B 107 14.20 -7.48 24.95
N GLY B 108 14.14 -8.61 25.67
CA GLY B 108 12.90 -9.26 26.02
C GLY B 108 12.13 -9.85 24.87
N GLY B 109 10.85 -10.13 25.11
CA GLY B 109 9.97 -10.74 24.13
C GLY B 109 9.40 -12.07 24.60
N HIS B 110 8.57 -12.66 23.76
CA HIS B 110 7.93 -13.92 24.05
C HIS B 110 8.17 -14.83 22.84
N HIS B 111 8.86 -15.93 23.06
CA HIS B 111 9.12 -16.93 22.01
C HIS B 111 8.25 -18.18 22.30
N SER B 112 8.35 -19.24 21.46
CA SER B 112 7.57 -20.47 21.65
C SER B 112 7.62 -21.08 23.07
N ARG B 113 8.65 -20.78 23.88
CA ARG B 113 8.72 -21.30 25.25
C ARG B 113 8.64 -20.22 26.31
N GLY B 114 8.01 -19.08 26.01
CA GLY B 114 7.78 -18.05 27.01
C GLY B 114 8.64 -16.82 26.93
N ASN B 115 8.63 -16.06 28.03
CA ASN B 115 9.36 -14.80 28.10
C ASN B 115 10.85 -14.96 28.30
N THR B 116 11.58 -13.89 27.94
CA THR B 116 13.03 -13.87 28.04
C THR B 116 13.51 -12.50 28.52
N ASN B 117 14.71 -12.48 29.10
CA ASN B 117 15.37 -11.25 29.50
C ASN B 117 16.75 -11.14 28.77
N LYS B 118 16.93 -11.83 27.62
CA LYS B 118 18.17 -11.78 26.87
C LYS B 118 18.23 -10.46 26.10
N PHE B 119 19.47 -9.98 25.88
CA PHE B 119 19.78 -8.72 25.22
C PHE B 119 20.66 -9.00 24.00
N TYR B 120 20.25 -8.46 22.85
CA TYR B 120 20.95 -8.63 21.58
C TYR B 120 21.27 -7.28 20.96
N MET B 121 22.24 -7.28 20.06
CA MET B 121 22.72 -6.11 19.38
C MET B 121 22.96 -6.49 17.90
N LEU B 122 22.62 -5.60 16.97
CA LEU B 122 22.85 -5.83 15.55
C LEU B 122 23.34 -4.52 14.93
N ASP B 123 24.63 -4.45 14.59
CA ASP B 123 25.21 -3.25 13.99
C ASP B 123 24.77 -3.22 12.52
N SER B 124 23.89 -2.29 12.16
CA SER B 124 23.40 -2.18 10.79
C SER B 124 24.22 -1.20 9.94
N ARG B 125 25.40 -0.72 10.42
CA ARG B 125 26.27 0.17 9.66
C ARG B 125 27.11 -0.69 8.71
N ARG B 129 27.89 -6.48 3.21
CA ARG B 129 28.26 -7.45 4.25
C ARG B 129 27.02 -7.99 4.95
N VAL B 130 27.05 -9.29 5.35
CA VAL B 130 25.93 -9.92 6.03
C VAL B 130 25.92 -9.42 7.47
N LEU B 131 24.76 -8.93 7.95
CA LEU B 131 24.64 -8.40 9.29
C LEU B 131 24.60 -9.56 10.31
N GLN B 132 25.37 -9.41 11.41
CA GLN B 132 25.50 -10.43 12.45
C GLN B 132 24.82 -9.97 13.74
N TRP B 133 23.96 -10.82 14.33
CA TRP B 133 23.36 -10.53 15.61
C TRP B 133 24.39 -10.92 16.67
N GLU B 134 24.43 -10.21 17.79
CA GLU B 134 25.32 -10.53 18.88
C GLU B 134 24.51 -10.57 20.20
N ARG B 135 24.52 -11.70 20.91
CA ARG B 135 23.86 -11.79 22.21
C ARG B 135 24.87 -11.29 23.23
N ILE B 136 24.48 -10.32 24.05
CA ILE B 136 25.39 -9.71 24.99
C ILE B 136 25.19 -10.32 26.36
N ASP B 137 26.24 -10.90 26.91
CA ASP B 137 26.17 -11.46 28.25
C ASP B 137 26.44 -10.25 29.14
N CYS B 138 25.35 -9.60 29.59
CA CYS B 138 25.47 -8.39 30.38
C CYS B 138 25.91 -8.65 31.79
N GLN B 139 26.53 -7.65 32.42
CA GLN B 139 26.91 -7.70 33.82
C GLN B 139 25.74 -7.17 34.66
N GLY B 140 25.77 -7.43 35.95
CA GLY B 140 24.73 -6.97 36.86
C GLY B 140 23.49 -7.83 36.82
N ILE B 141 22.47 -7.44 37.62
CA ILE B 141 21.22 -8.20 37.74
C ILE B 141 20.27 -7.73 36.62
N PRO B 142 19.94 -8.59 35.65
CA PRO B 142 19.06 -8.13 34.56
C PRO B 142 17.60 -7.99 34.99
N PRO B 143 16.73 -7.35 34.18
CA PRO B 143 15.29 -7.33 34.54
C PRO B 143 14.72 -8.77 34.48
N SER B 144 13.53 -8.96 35.01
CA SER B 144 12.85 -10.25 34.92
C SER B 144 12.48 -10.52 33.41
N SER B 145 12.27 -11.78 33.06
CA SER B 145 11.89 -12.15 31.68
C SER B 145 10.50 -11.62 31.42
N LYS B 146 10.35 -10.83 30.34
CA LYS B 146 9.10 -10.15 30.05
C LYS B 146 9.02 -9.65 28.60
N ASP B 147 7.84 -9.15 28.22
CA ASP B 147 7.56 -8.57 26.90
C ASP B 147 6.63 -7.36 27.06
N LYS B 148 6.27 -6.67 25.93
CA LYS B 148 5.30 -5.56 25.94
C LYS B 148 5.65 -4.51 26.99
N LEU B 149 6.86 -4.00 26.89
CA LEU B 149 7.36 -2.99 27.82
C LEU B 149 7.71 -1.75 26.99
N GLY B 150 8.52 -0.85 27.52
CA GLY B 150 8.96 0.33 26.80
C GLY B 150 10.39 0.68 27.15
N VAL B 151 11.00 1.56 26.34
CA VAL B 151 12.38 1.97 26.57
C VAL B 151 12.53 3.45 26.23
N TRP B 152 13.42 4.12 26.97
CA TRP B 152 13.86 5.49 26.75
C TRP B 152 15.36 5.43 26.46
N VAL B 153 15.84 6.27 25.56
CA VAL B 153 17.26 6.33 25.21
C VAL B 153 17.73 7.64 25.76
N TYR B 154 18.78 7.62 26.59
CA TYR B 154 19.32 8.86 27.14
C TYR B 154 20.82 8.74 27.32
N LYS B 155 21.58 9.40 26.42
CA LYS B 155 23.03 9.38 26.43
C LYS B 155 23.49 7.91 26.28
N ASN B 156 24.34 7.38 27.16
CA ASN B 156 24.81 6.01 27.12
C ASN B 156 23.79 4.98 27.64
N LYS B 157 22.65 5.42 28.18
CA LYS B 157 21.71 4.52 28.81
C LYS B 157 20.50 4.15 27.98
N LEU B 158 20.10 2.87 28.07
CA LEU B 158 18.84 2.34 27.55
C LEU B 158 18.08 2.07 28.83
N ILE B 159 16.94 2.76 29.04
CA ILE B 159 16.19 2.65 30.29
C ILE B 159 14.86 1.98 29.95
N PHE B 160 14.66 0.77 30.48
CA PHE B 160 13.49 -0.04 30.23
C PHE B 160 12.46 0.13 31.34
N PHE B 161 11.18 0.15 30.97
CA PHE B 161 10.11 0.31 31.93
C PHE B 161 8.96 -0.69 31.70
N GLY B 162 8.50 -1.30 32.79
CA GLY B 162 7.30 -2.12 32.80
C GLY B 162 7.38 -3.41 32.04
N GLY B 163 6.22 -3.93 31.67
CA GLY B 163 6.12 -5.17 30.92
C GLY B 163 5.33 -6.26 31.59
N TYR B 164 5.25 -7.40 30.93
CA TYR B 164 4.49 -8.55 31.38
C TYR B 164 5.37 -9.81 31.30
N GLY B 165 5.45 -10.56 32.39
CA GLY B 165 6.27 -11.75 32.43
C GLY B 165 6.22 -12.46 33.76
N TYR B 166 7.23 -13.28 34.03
CA TYR B 166 7.27 -14.07 35.25
C TYR B 166 7.58 -13.24 36.47
N LEU B 167 7.26 -13.78 37.65
CA LEU B 167 7.61 -13.17 38.92
C LEU B 167 9.16 -13.01 38.97
N PRO B 168 9.74 -11.84 39.35
CA PRO B 168 11.20 -11.74 39.37
C PRO B 168 11.88 -12.75 40.32
N VAL B 172 14.65 -7.24 43.21
CA VAL B 172 14.39 -6.17 42.25
C VAL B 172 13.65 -5.01 42.93
N LEU B 173 14.03 -3.78 42.59
CA LEU B 173 13.36 -2.59 43.10
C LEU B 173 12.12 -2.38 42.27
N GLY B 174 11.02 -2.05 42.94
CA GLY B 174 9.73 -1.82 42.30
C GLY B 174 8.70 -2.83 42.77
N THR B 175 7.56 -2.88 42.09
CA THR B 175 6.46 -3.77 42.44
C THR B 175 6.03 -4.63 41.25
N PHE B 176 5.47 -5.80 41.56
CA PHE B 176 4.98 -6.77 40.58
C PHE B 176 3.57 -7.20 41.04
N GLU B 177 2.62 -7.24 40.09
CA GLU B 177 1.23 -7.61 40.30
C GLU B 177 0.87 -8.80 39.39
N PHE B 178 0.50 -9.96 39.97
CA PHE B 178 0.10 -11.12 39.17
C PHE B 178 -1.19 -10.85 38.37
N ASP B 179 -1.28 -11.48 37.20
CA ASP B 179 -2.46 -11.43 36.32
C ASP B 179 -3.22 -12.70 36.64
N GLU B 180 -4.37 -12.59 37.30
CA GLU B 180 -5.15 -13.75 37.72
C GLU B 180 -5.55 -14.67 36.53
N THR B 181 -5.68 -14.13 35.30
CA THR B 181 -6.04 -14.98 34.15
C THR B 181 -4.89 -15.95 33.74
N SER B 182 -3.66 -15.69 34.17
CA SER B 182 -2.52 -16.57 33.88
C SER B 182 -2.44 -17.80 34.82
N PHE B 183 -3.22 -17.83 35.92
CA PHE B 183 -3.13 -18.93 36.90
C PHE B 183 -3.75 -20.22 36.38
N TRP B 184 -4.83 -20.12 35.58
CA TRP B 184 -5.57 -21.27 35.09
C TRP B 184 -5.50 -21.35 33.57
N HIS B 188 2.92 -21.40 34.13
CA HIS B 188 3.74 -20.44 34.85
C HIS B 188 2.97 -19.13 34.99
N PRO B 189 2.54 -18.70 36.20
CA PRO B 189 1.79 -17.44 36.30
C PRO B 189 2.69 -16.24 35.98
N ARG B 190 2.05 -15.19 35.47
CA ARG B 190 2.73 -13.99 35.00
C ARG B 190 1.96 -12.75 35.47
N GLY B 191 2.61 -11.60 35.38
CA GLY B 191 2.01 -10.35 35.80
C GLY B 191 2.74 -9.14 35.30
N TRP B 192 2.25 -7.97 35.73
CA TRP B 192 2.78 -6.67 35.34
C TRP B 192 3.78 -6.16 36.36
N ASN B 193 4.74 -5.33 35.91
CA ASN B 193 5.69 -4.70 36.81
C ASN B 193 5.77 -3.22 36.44
N ASP B 194 6.27 -2.41 37.39
CA ASP B 194 6.54 -0.98 37.18
C ASP B 194 8.09 -0.76 37.26
N HIS B 195 8.90 -1.79 36.94
CA HIS B 195 10.33 -1.71 37.14
C HIS B 195 11.01 -0.79 36.15
N VAL B 196 12.02 -0.08 36.62
CA VAL B 196 12.87 0.76 35.80
C VAL B 196 14.24 0.09 35.87
N HIS B 197 14.80 -0.30 34.71
CA HIS B 197 16.14 -0.88 34.64
C HIS B 197 16.98 -0.09 33.66
N ILE B 198 18.25 0.13 33.99
CA ILE B 198 19.17 0.82 33.11
C ILE B 198 20.12 -0.21 32.58
N LEU B 199 20.36 -0.20 31.26
CA LEU B 199 21.46 -0.94 30.70
C LEU B 199 22.45 0.15 30.20
N ASP B 200 23.60 0.21 30.82
CA ASP B 200 24.63 1.17 30.50
C ASP B 200 25.40 0.59 29.31
N THR B 201 25.29 1.20 28.12
CA THR B 201 25.98 0.67 26.94
C THR B 201 27.51 0.91 26.95
N GLU B 202 28.03 1.67 27.92
CA GLU B 202 29.47 1.85 28.06
C GLU B 202 30.12 0.56 28.55
N THR B 203 29.43 -0.21 29.40
CA THR B 203 30.01 -1.43 29.98
C THR B 203 29.07 -2.66 29.84
N PHE B 204 27.87 -2.49 29.26
CA PHE B 204 26.82 -3.52 29.17
C PHE B 204 26.53 -4.08 30.55
N THR B 205 26.25 -3.15 31.49
CA THR B 205 25.92 -3.49 32.86
C THR B 205 24.53 -3.00 33.17
N TRP B 206 23.71 -3.91 33.73
CA TRP B 206 22.38 -3.62 34.21
C TRP B 206 22.46 -3.00 35.60
N SER B 207 21.48 -2.14 35.91
CA SER B 207 21.34 -1.54 37.25
C SER B 207 19.92 -0.97 37.39
N GLN B 208 19.54 -0.52 38.58
CA GLN B 208 18.26 0.12 38.78
C GLN B 208 18.49 1.46 39.48
N PRO B 209 17.91 2.56 38.99
CA PRO B 209 18.04 3.82 39.73
C PRO B 209 17.09 3.83 40.94
N ILE B 210 17.42 4.66 41.93
CA ILE B 210 16.55 4.88 43.07
C ILE B 210 15.72 6.08 42.63
N THR B 211 14.42 5.90 42.45
CA THR B 211 13.54 6.96 41.97
C THR B 211 12.78 7.64 43.11
N THR B 212 12.33 8.88 42.86
CA THR B 212 11.44 9.62 43.77
C THR B 212 10.11 9.90 43.01
N GLY B 213 9.08 10.34 43.73
CA GLY B 213 7.79 10.59 43.12
C GLY B 213 6.97 9.31 43.00
N LYS B 214 5.69 9.45 42.67
CA LYS B 214 4.80 8.30 42.55
C LYS B 214 4.94 7.72 41.15
N ALA B 215 5.45 6.50 41.08
CA ALA B 215 5.64 5.84 39.81
C ALA B 215 4.26 5.48 39.20
N PRO B 216 4.12 5.32 37.86
CA PRO B 216 2.86 4.78 37.32
C PRO B 216 2.66 3.36 37.86
N SER B 217 1.42 2.89 37.94
CA SER B 217 1.15 1.52 38.38
C SER B 217 1.92 0.50 37.49
N PRO B 218 2.15 -0.77 37.93
CA PRO B 218 2.66 -1.77 36.99
C PRO B 218 1.81 -1.82 35.69
N ARG B 219 2.40 -2.16 34.55
CA ARG B 219 1.65 -2.18 33.29
C ARG B 219 2.43 -2.82 32.19
N ALA B 220 1.74 -3.19 31.12
CA ALA B 220 2.35 -3.71 29.90
C ALA B 220 1.53 -3.18 28.72
N ALA B 221 2.12 -3.20 27.51
CA ALA B 221 1.47 -2.68 26.29
C ALA B 221 1.19 -1.15 26.40
N HIS B 222 1.97 -0.47 27.24
CA HIS B 222 2.01 0.98 27.37
C HIS B 222 2.92 1.44 26.21
N ALA B 223 3.07 2.75 26.03
CA ALA B 223 3.96 3.27 24.99
C ALA B 223 4.86 4.32 25.61
N CYS B 224 6.18 4.23 25.32
CA CYS B 224 7.21 5.16 25.81
C CYS B 224 7.73 6.05 24.68
N ALA B 225 8.07 7.31 25.00
CA ALA B 225 8.68 8.27 24.06
C ALA B 225 9.65 9.16 24.83
N THR B 226 10.82 9.47 24.26
CA THR B 226 11.81 10.30 24.93
C THR B 226 11.94 11.61 24.23
N VAL B 227 11.93 12.73 25.00
CA VAL B 227 12.19 14.07 24.48
C VAL B 227 13.07 14.75 25.54
N GLY B 228 14.26 15.19 25.16
CA GLY B 228 15.21 15.78 26.10
C GLY B 228 15.57 14.79 27.21
N ASN B 229 15.47 15.20 28.47
CA ASN B 229 15.71 14.28 29.59
C ASN B 229 14.40 13.75 30.18
N ARG B 230 13.29 13.75 29.41
CA ARG B 230 12.01 13.26 29.93
C ARG B 230 11.60 11.97 29.21
N GLY B 231 11.43 10.92 29.98
CA GLY B 231 10.95 9.65 29.47
C GLY B 231 9.46 9.55 29.70
N PHE B 232 8.66 9.88 28.69
CA PHE B 232 7.22 9.84 28.77
C PHE B 232 6.67 8.41 28.66
N VAL B 233 5.55 8.13 29.34
CA VAL B 233 4.86 6.86 29.24
C VAL B 233 3.36 7.16 29.25
N PHE B 234 2.61 6.59 28.29
CA PHE B 234 1.18 6.80 28.18
C PHE B 234 0.45 5.45 28.17
N GLY B 235 -0.66 5.38 28.92
CA GLY B 235 -1.55 4.23 28.95
C GLY B 235 -0.94 2.90 29.32
N GLY B 236 -1.50 1.83 28.73
CA GLY B 236 -1.09 0.46 29.00
C GLY B 236 -2.17 -0.33 29.71
N ARG B 237 -1.95 -1.62 29.81
CA ARG B 237 -2.89 -2.52 30.47
C ARG B 237 -2.43 -2.78 31.90
N TYR B 238 -3.36 -2.77 32.85
CA TYR B 238 -3.11 -3.10 34.25
C TYR B 238 -4.40 -3.62 34.85
N ARG B 239 -4.39 -4.83 35.42
CA ARG B 239 -5.57 -5.48 36.01
C ARG B 239 -6.73 -5.50 34.97
N ASP B 240 -7.92 -4.91 35.21
CA ASP B 240 -9.01 -4.92 34.22
C ASP B 240 -9.14 -3.59 33.48
N ALA B 241 -8.07 -2.80 33.40
CA ALA B 241 -8.14 -1.51 32.74
C ALA B 241 -7.05 -1.33 31.69
N ARG B 242 -7.39 -0.57 30.65
CA ARG B 242 -6.46 -0.09 29.63
C ARG B 242 -6.55 1.41 29.92
N MET B 243 -5.46 1.97 30.45
CA MET B 243 -5.43 3.28 31.09
C MET B 243 -5.16 4.50 30.23
N ASN B 244 -5.54 5.67 30.75
CA ASN B 244 -5.44 6.96 30.07
C ASN B 244 -4.46 7.92 30.74
N ASP B 245 -3.59 7.44 31.64
CA ASP B 245 -2.70 8.32 32.38
C ASP B 245 -1.37 8.57 31.63
N LEU B 246 -0.79 9.74 31.91
CA LEU B 246 0.44 10.17 31.27
C LEU B 246 1.41 10.58 32.36
N HIS B 247 2.64 10.03 32.29
CA HIS B 247 3.73 10.33 33.23
C HIS B 247 5.03 10.54 32.47
N TYR B 248 6.03 11.09 33.15
CA TYR B 248 7.38 11.14 32.63
C TYR B 248 8.33 10.89 33.77
N LEU B 249 9.39 10.14 33.49
CA LEU B 249 10.48 9.92 34.43
C LEU B 249 11.57 10.91 34.00
N ASN B 250 12.05 11.73 34.94
CA ASN B 250 13.16 12.65 34.64
C ASN B 250 14.40 11.77 34.60
N LEU B 251 15.06 11.70 33.46
CA LEU B 251 16.18 10.78 33.26
C LEU B 251 17.52 11.29 33.82
N ASP B 252 17.54 12.50 34.44
CA ASP B 252 18.70 13.08 35.11
C ASP B 252 18.53 12.89 36.62
N THR B 253 17.35 13.22 37.19
CA THR B 253 17.15 13.14 38.64
C THR B 253 16.41 11.91 39.12
N TRP B 254 15.82 11.12 38.20
CA TRP B 254 15.05 9.93 38.51
C TRP B 254 13.76 10.26 39.30
N GLU B 255 13.20 11.46 39.09
CA GLU B 255 11.94 11.88 39.69
C GLU B 255 10.78 11.56 38.73
N TRP B 256 9.77 10.84 39.20
CA TRP B 256 8.55 10.53 38.45
C TRP B 256 7.60 11.69 38.56
N ASN B 257 6.91 12.01 37.47
CA ASN B 257 5.92 13.11 37.44
C ASN B 257 4.67 12.66 36.72
N GLU B 258 3.48 12.96 37.25
CA GLU B 258 2.24 12.66 36.54
C GLU B 258 1.80 13.95 35.85
N LEU B 259 1.37 13.83 34.59
CA LEU B 259 0.88 14.95 33.81
C LEU B 259 -0.63 14.87 33.73
N ILE B 260 -1.30 15.96 34.12
CA ILE B 260 -2.75 16.07 34.11
C ILE B 260 -3.05 17.13 33.04
N PRO B 261 -3.17 16.78 31.74
CA PRO B 261 -3.45 17.83 30.75
C PRO B 261 -4.80 18.51 30.98
N GLN B 262 -4.91 19.76 30.52
CA GLN B 262 -6.16 20.49 30.64
C GLN B 262 -7.03 20.17 29.42
N GLY B 263 -8.32 20.01 29.65
CA GLY B 263 -9.27 19.73 28.60
C GLY B 263 -9.45 18.27 28.28
N ILE B 264 -9.80 18.00 27.02
CA ILE B 264 -10.13 16.68 26.52
C ILE B 264 -8.84 15.87 26.38
N CYS B 265 -8.87 14.62 26.86
CA CYS B 265 -7.74 13.71 26.77
C CYS B 265 -8.16 12.48 25.98
N PRO B 266 -7.22 11.76 25.32
CA PRO B 266 -7.64 10.54 24.59
C PRO B 266 -8.15 9.44 25.52
N VAL B 267 -9.03 8.57 25.00
CA VAL B 267 -9.54 7.43 25.75
C VAL B 267 -8.37 6.51 26.17
N GLY B 268 -8.52 5.86 27.32
CA GLY B 268 -7.51 4.93 27.80
C GLY B 268 -7.34 3.77 26.86
N ARG B 269 -6.11 3.26 26.75
CA ARG B 269 -5.80 2.21 25.80
C ARG B 269 -4.45 1.52 26.11
N SER B 270 -4.22 0.39 25.44
CA SER B 270 -2.94 -0.31 25.40
C SER B 270 -2.68 -0.61 23.91
N TRP B 271 -1.50 -1.09 23.57
CA TRP B 271 -1.16 -1.51 22.20
C TRP B 271 -1.21 -0.37 21.17
N HIS B 272 -1.06 0.86 21.64
CA HIS B 272 -1.01 2.07 20.86
C HIS B 272 0.47 2.43 20.67
N SER B 273 0.74 3.39 19.77
CA SER B 273 2.09 3.90 19.61
C SER B 273 2.15 5.36 20.10
N LEU B 274 3.30 5.77 20.60
CA LEU B 274 3.57 7.13 21.07
C LEU B 274 4.96 7.47 20.56
N THR B 275 5.05 8.45 19.65
CA THR B 275 6.29 8.74 18.97
C THR B 275 6.70 10.21 19.09
N PRO B 276 7.95 10.53 19.49
CA PRO B 276 8.36 11.94 19.49
C PRO B 276 8.50 12.45 18.05
N VAL B 277 7.87 13.57 17.72
CA VAL B 277 7.94 14.14 16.36
C VAL B 277 8.68 15.48 16.33
N SER B 278 8.98 16.09 17.48
CA SER B 278 9.75 17.32 17.60
C SER B 278 10.24 17.45 19.08
N SER B 279 10.98 18.51 19.41
CA SER B 279 11.37 18.75 20.80
C SER B 279 10.14 19.15 21.66
N ASP B 280 8.91 19.25 21.08
CA ASP B 280 7.73 19.67 21.83
C ASP B 280 6.47 18.85 21.56
N HIS B 281 6.51 17.76 20.77
CA HIS B 281 5.30 17.01 20.42
C HIS B 281 5.50 15.51 20.39
N LEU B 282 4.51 14.77 20.92
CA LEU B 282 4.46 13.32 20.88
C LEU B 282 3.22 12.98 20.03
N PHE B 283 3.31 11.96 19.19
CA PHE B 283 2.23 11.56 18.32
C PHE B 283 1.69 10.21 18.76
N LEU B 284 0.39 10.16 19.06
CA LEU B 284 -0.31 8.98 19.52
C LEU B 284 -1.18 8.42 18.43
N PHE B 285 -1.14 7.09 18.19
CA PHE B 285 -2.06 6.48 17.24
C PHE B 285 -2.50 5.08 17.68
N GLY B 286 -3.77 4.77 17.42
CA GLY B 286 -4.32 3.44 17.59
C GLY B 286 -4.38 2.91 19.00
N GLY B 287 -4.43 1.61 19.11
CA GLY B 287 -4.56 0.96 20.41
C GLY B 287 -5.86 0.22 20.56
N PHE B 288 -6.15 -0.12 21.82
CA PHE B 288 -7.26 -0.97 22.19
C PHE B 288 -7.80 -0.51 23.53
N THR B 289 -9.11 -0.22 23.62
CA THR B 289 -9.70 0.30 24.86
C THR B 289 -9.99 -0.83 25.88
N THR B 290 -10.35 -0.46 27.13
CA THR B 290 -10.79 -1.39 28.19
C THR B 290 -11.94 -2.26 27.67
N ASP B 291 -12.92 -1.64 26.95
CA ASP B 291 -14.08 -2.30 26.35
C ASP B 291 -13.74 -3.07 25.04
N LYS B 292 -12.47 -3.27 24.71
CA LYS B 292 -12.02 -4.04 23.56
C LYS B 292 -12.39 -3.43 22.21
N GLN B 293 -12.31 -2.10 22.09
CA GLN B 293 -12.58 -1.44 20.82
C GLN B 293 -11.26 -1.17 20.08
N PRO B 294 -11.05 -1.63 18.83
CA PRO B 294 -9.84 -1.22 18.10
C PRO B 294 -9.90 0.28 17.80
N LEU B 295 -8.76 1.00 17.92
CA LEU B 295 -8.75 2.46 17.73
C LEU B 295 -8.02 2.93 16.49
N SER B 296 -8.60 3.94 15.83
CA SER B 296 -8.03 4.61 14.65
C SER B 296 -7.85 6.12 14.91
N ASP B 297 -8.01 6.60 16.16
CA ASP B 297 -7.81 8.03 16.45
C ASP B 297 -6.32 8.35 16.58
N ALA B 298 -5.97 9.58 16.24
CA ALA B 298 -4.60 10.04 16.30
C ALA B 298 -4.60 11.39 17.02
N TRP B 299 -3.60 11.62 17.86
CA TRP B 299 -3.49 12.84 18.64
C TRP B 299 -2.04 13.28 18.74
N THR B 300 -1.82 14.56 19.05
CA THR B 300 -0.50 15.07 19.35
C THR B 300 -0.57 15.61 20.76
N TYR B 301 0.43 15.30 21.59
CA TYR B 301 0.54 15.87 22.91
C TYR B 301 1.57 16.99 22.82
N CYS B 302 1.19 18.22 23.09
CA CYS B 302 2.10 19.35 23.09
C CYS B 302 2.69 19.41 24.48
N ILE B 303 4.01 19.19 24.61
CA ILE B 303 4.68 19.14 25.91
C ILE B 303 4.67 20.50 26.63
N SER B 304 5.03 21.58 25.93
CA SER B 304 5.09 22.93 26.50
C SER B 304 3.72 23.43 26.97
N LYS B 305 2.65 23.13 26.23
CA LYS B 305 1.29 23.55 26.61
C LYS B 305 0.60 22.55 27.55
N ASN B 306 1.11 21.28 27.65
CA ASN B 306 0.51 20.19 28.44
C ASN B 306 -0.94 20.00 27.96
N GLU B 307 -1.07 19.73 26.66
CA GLU B 307 -2.36 19.68 26.00
C GLU B 307 -2.36 18.67 24.86
N TRP B 308 -3.47 17.93 24.72
CA TRP B 308 -3.67 16.98 23.62
C TRP B 308 -4.48 17.69 22.52
N ILE B 309 -4.16 17.40 21.25
CA ILE B 309 -4.85 17.96 20.09
C ILE B 309 -5.17 16.79 19.18
N GLN B 310 -6.46 16.57 18.85
CA GLN B 310 -6.81 15.45 17.98
C GLN B 310 -6.34 15.77 16.55
N PHE B 311 -5.71 14.79 15.91
CA PHE B 311 -5.10 14.92 14.58
C PHE B 311 -5.98 14.26 13.53
N ASN B 312 -6.38 15.01 12.49
CA ASN B 312 -7.22 14.47 11.42
C ASN B 312 -6.33 13.81 10.39
N HIS B 313 -6.75 12.65 9.93
CA HIS B 313 -5.96 11.85 9.00
C HIS B 313 -6.89 10.99 8.11
N PRO B 314 -6.43 10.46 6.96
CA PRO B 314 -7.34 9.67 6.11
C PRO B 314 -7.52 8.20 6.50
N TYR B 315 -7.00 7.76 7.69
CA TYR B 315 -7.06 6.34 8.08
C TYR B 315 -8.07 6.02 9.21
N THR B 316 -9.21 6.73 9.27
CA THR B 316 -10.25 6.50 10.28
C THR B 316 -10.82 5.07 10.22
N GLU B 317 -10.90 4.48 9.02
CA GLU B 317 -11.40 3.11 8.88
C GLU B 317 -10.29 2.05 9.01
N LYS B 318 -9.05 2.43 9.41
CA LYS B 318 -7.95 1.48 9.57
C LYS B 318 -7.44 1.52 11.01
N PRO B 319 -8.25 1.06 12.01
CA PRO B 319 -7.72 0.97 13.37
C PRO B 319 -6.58 -0.03 13.44
N ARG B 320 -5.63 0.19 14.36
CA ARG B 320 -4.51 -0.73 14.52
C ARG B 320 -4.16 -0.87 15.96
N LEU B 321 -3.79 -2.08 16.36
CA LEU B 321 -3.30 -2.33 17.70
C LEU B 321 -2.10 -3.25 17.56
N TRP B 322 -1.06 -2.98 18.36
CA TRP B 322 0.19 -3.74 18.34
C TRP B 322 0.97 -3.58 17.03
N HIS B 323 0.77 -2.43 16.39
CA HIS B 323 1.51 -1.96 15.22
C HIS B 323 2.78 -1.30 15.80
N THR B 324 3.67 -0.82 14.93
CA THR B 324 4.80 -0.02 15.33
C THR B 324 4.65 1.35 14.67
N ALA B 325 5.41 2.36 15.16
CA ALA B 325 5.44 3.69 14.56
C ALA B 325 6.85 4.24 14.71
N CYS B 326 7.41 4.79 13.62
CA CYS B 326 8.76 5.36 13.60
C CYS B 326 8.68 6.75 12.97
N ALA B 327 9.33 7.75 13.59
CA ALA B 327 9.37 9.09 13.00
C ALA B 327 10.43 9.11 11.90
N SER B 328 10.15 9.82 10.81
CA SER B 328 11.11 10.04 9.75
C SER B 328 11.76 11.43 9.99
N ASP B 329 12.88 11.71 9.31
CA ASP B 329 13.53 13.02 9.40
C ASP B 329 12.69 14.13 8.75
N GLU B 330 11.69 13.79 7.90
CA GLU B 330 10.83 14.77 7.23
C GLU B 330 9.53 15.04 8.01
N GLY B 331 9.51 14.80 9.32
CA GLY B 331 8.35 15.07 10.16
C GLY B 331 7.23 14.04 10.16
N GLU B 332 7.31 13.00 9.32
CA GLU B 332 6.24 12.00 9.22
C GLU B 332 6.36 10.88 10.27
N VAL B 333 5.26 10.19 10.54
CA VAL B 333 5.25 9.02 11.41
C VAL B 333 4.83 7.86 10.49
N ILE B 334 5.63 6.81 10.47
CA ILE B 334 5.42 5.64 9.61
C ILE B 334 4.93 4.51 10.49
N VAL B 335 3.64 4.15 10.33
CA VAL B 335 3.00 3.07 11.08
C VAL B 335 3.07 1.80 10.22
N PHE B 336 3.43 0.66 10.82
CA PHE B 336 3.51 -0.59 10.11
C PHE B 336 2.90 -1.71 10.94
N GLY B 337 2.21 -2.62 10.25
CA GLY B 337 1.70 -3.83 10.85
C GLY B 337 0.62 -3.59 11.86
N GLY B 338 0.56 -4.50 12.82
CA GLY B 338 -0.49 -4.49 13.82
C GLY B 338 -1.76 -5.15 13.28
N CYS B 339 -2.78 -5.18 14.13
CA CYS B 339 -4.02 -5.88 13.85
C CYS B 339 -5.17 -4.88 13.74
N ALA B 340 -6.08 -5.06 12.76
CA ALA B 340 -7.21 -4.14 12.61
C ALA B 340 -8.36 -4.43 13.58
N ASN B 341 -8.39 -5.60 14.20
CA ASN B 341 -9.50 -5.95 15.10
C ASN B 341 -8.94 -6.60 16.40
N ASN B 342 -9.80 -7.22 17.22
CA ASN B 342 -9.39 -7.84 18.46
C ASN B 342 -8.52 -9.07 18.16
N LEU B 343 -7.19 -8.88 18.23
CA LEU B 343 -6.23 -9.97 18.01
C LEU B 343 -6.32 -11.08 19.06
N LEU B 344 -6.99 -10.83 20.21
CA LEU B 344 -7.16 -11.90 21.22
C LEU B 344 -8.09 -13.03 20.68
N VAL B 345 -8.92 -12.76 19.64
CA VAL B 345 -9.71 -13.82 18.98
C VAL B 345 -8.79 -14.25 17.84
N HIS B 346 -7.85 -15.14 18.12
CA HIS B 346 -6.78 -15.47 17.17
C HIS B 346 -7.28 -15.97 15.81
N HIS B 347 -8.32 -16.80 15.78
CA HIS B 347 -8.84 -17.35 14.54
C HIS B 347 -9.52 -16.32 13.63
N ARG B 348 -9.86 -15.11 14.13
CA ARG B 348 -10.46 -14.02 13.34
C ARG B 348 -9.53 -12.78 13.26
N ALA B 349 -8.27 -12.85 13.77
CA ALA B 349 -7.36 -11.69 13.79
C ALA B 349 -7.04 -11.15 12.39
N ALA B 350 -7.15 -9.85 12.20
CA ALA B 350 -6.90 -9.22 10.90
C ALA B 350 -5.52 -8.53 10.94
N HIS B 351 -4.44 -9.34 10.88
CA HIS B 351 -3.08 -8.81 10.89
C HIS B 351 -2.83 -8.08 9.59
N SER B 352 -2.04 -7.00 9.66
CA SER B 352 -1.79 -6.16 8.51
C SER B 352 -0.31 -6.02 8.17
N ASN B 353 -0.02 -5.77 6.89
CA ASN B 353 1.33 -5.40 6.41
C ASN B 353 1.27 -3.98 5.80
N GLU B 354 0.25 -3.16 6.10
CA GLU B 354 0.11 -1.84 5.50
C GLU B 354 0.99 -0.83 6.18
N ILE B 355 1.49 0.10 5.36
CA ILE B 355 2.26 1.26 5.83
C ILE B 355 1.24 2.39 5.86
N LEU B 356 1.11 3.06 7.01
CA LEU B 356 0.19 4.18 7.19
C LEU B 356 1.10 5.38 7.47
N ILE B 357 1.00 6.46 6.66
CA ILE B 357 1.88 7.62 6.81
C ILE B 357 1.14 8.85 7.33
N PHE B 358 1.58 9.39 8.45
CA PHE B 358 0.97 10.57 9.04
C PHE B 358 1.91 11.76 8.84
N SER B 359 1.46 12.83 8.19
CA SER B 359 2.26 14.04 7.97
C SER B 359 2.01 14.93 9.17
N VAL B 360 2.81 14.80 10.23
CA VAL B 360 2.56 15.48 11.50
C VAL B 360 3.11 16.91 11.50
C1 EDO C . -16.49 1.03 -20.47
O1 EDO C . -16.54 2.28 -19.79
C2 EDO C . -15.19 0.93 -21.28
O2 EDO C . -15.22 1.78 -22.42
H11 EDO C . -17.36 0.95 -21.12
H12 EDO C . -16.52 0.24 -19.71
HO1 EDO C . -17.28 2.23 -19.16
H21 EDO C . -15.06 -0.10 -21.64
H22 EDO C . -14.33 1.20 -20.67
HO2 EDO C . -15.41 2.68 -22.11
C4 YW6 D . 3.10 4.80 -26.97
C5 YW6 D . 3.43 3.84 -30.51
C7 YW6 D . 3.64 6.21 -26.80
C1 YW6 D . 2.93 4.41 -28.43
C2 YW6 D . 3.97 3.98 -29.30
C3 YW6 D . 1.84 4.48 -29.18
O6 YW6 D . 2.10 4.15 -30.46
O8 YW6 D . 2.93 7.05 -26.21
O9 YW6 D . 4.78 6.44 -27.29
H4A YW6 D . 3.76 4.10 -26.46
H4B YW6 D . 2.13 4.73 -26.47
H5 YW6 D . 3.81 3.55 -31.46
H2 YW6 D . 5.00 3.81 -29.03
H3 YW6 D . 0.82 4.77 -28.96
C4 YW6 E . -2.24 -6.60 26.62
C5 YW6 E . -1.40 -8.67 29.54
C7 YW6 E . -3.69 -6.17 26.82
C1 YW6 E . -1.66 -7.24 27.86
C2 YW6 E . -1.92 -8.55 28.31
C3 YW6 E . -0.98 -6.65 28.85
O6 YW6 E . -0.81 -7.49 29.89
O8 YW6 E . -3.97 -4.96 26.62
O9 YW6 E . -4.52 -7.04 27.17
H4A YW6 E . -2.18 -7.30 25.78
H4B YW6 E . -1.64 -5.73 26.35
H5 YW6 E . -1.35 -9.46 30.27
H2 YW6 E . -2.44 -9.33 27.77
H3 YW6 E . -0.54 -5.67 28.95
#